data_5QD8
#
_entry.id   5QD8
#
_cell.length_a   82.678
_cell.length_b   105.557
_cell.length_c   99.941
_cell.angle_alpha   90.00
_cell.angle_beta   103.97
_cell.angle_gamma   90.00
#
_symmetry.space_group_name_H-M   'P 1 21 1'
#
loop_
_entity.id
_entity.type
_entity.pdbx_description
1 polymer 'Beta-secretase 1'
2 non-polymer (3S,14R,16S)-16-[(1R)-2-{[(4S)-2,2-dimethyl-6-(propan-2-yl)-3,4-dihydro-2H-1-benzopyran-4-yl]amino}-1-hydroxyethyl]-3,4,14-trimethyl-1,4-diazacyclohexadecane-2,5-dione
3 water water
#
_entity_poly.entity_id   1
_entity_poly.type   'polypeptide(L)'
_entity_poly.pdbx_seq_one_letter_code
;GPDEEPEEPGRRGSFVEMVDNLRGKSGQGYYVEMTVGSPPQTLNILVDTGSSNFAVGAAPHPFLHRYYQRQLSSTYRDLR
KGVYVPYTQGKWEGELGTDLVSIPHGPNVTVRANIAAITESDKFFINGSNWEGILGLAYAEIARPDDSLEPFFDSLVKQT
HVPNLFSLQLCGAGFPLNQSEVLASVGGSMIIGGIDHSLYTGSLWYTPIRREWYYEVIIVRVEINGQDLKMDCKEYNYDK
SIVDSGTTNLRLPKKVFEAAVKSIKAASSTEKFPDGFWLGEQLVCWQAGTTPWNIFPVISLYLMGEVTNQSFRITILPQQ
YLRPVEDVATSQDDCYKFAISQSSTGTVMGAVIMEGFYVVFDRARKRIGFAVSACHVHDEFRTAAVEGPFVTLDMEDCGY
NI
;
_entity_poly.pdbx_strand_id   A,B,C
#
loop_
_chem_comp.id
_chem_comp.type
_chem_comp.name
_chem_comp.formula
E6V non-polymer (3S,14R,16S)-16-[(1R)-2-{[(4S)-2,2-dimethyl-6-(propan-2-yl)-3,4-dihydro-2H-1-benzopyran-4-yl]amino}-1-hydroxyethyl]-3,4,14-trimethyl-1,4-diazacyclohexadecane-2,5-dione 'C33 H55 N3 O4'
#
# COMPACT_ATOMS: atom_id res chain seq x y z
N SER A 14 -23.86 -29.17 8.55
CA SER A 14 -24.44 -29.12 7.22
C SER A 14 -23.67 -28.18 6.30
N PHE A 15 -22.35 -28.10 6.49
CA PHE A 15 -21.58 -27.19 5.65
C PHE A 15 -21.21 -27.80 4.32
N VAL A 16 -21.33 -29.13 4.18
CA VAL A 16 -21.00 -29.76 2.92
C VAL A 16 -21.89 -29.23 1.81
N GLU A 17 -23.11 -28.79 2.15
CA GLU A 17 -24.05 -28.28 1.17
C GLU A 17 -23.59 -27.00 0.51
N MET A 18 -22.70 -26.26 1.15
CA MET A 18 -22.21 -25.01 0.60
C MET A 18 -20.89 -25.16 -0.10
N VAL A 19 -20.24 -26.33 0.00
CA VAL A 19 -18.97 -26.52 -0.70
C VAL A 19 -19.22 -26.46 -2.19
N ASP A 20 -18.39 -25.68 -2.89
CA ASP A 20 -18.44 -25.52 -4.35
C ASP A 20 -19.70 -24.78 -4.80
N ASN A 21 -20.24 -23.87 -3.97
CA ASN A 21 -21.44 -23.11 -4.36
C ASN A 21 -21.11 -21.78 -5.03
N LEU A 22 -19.85 -21.52 -5.36
CA LEU A 22 -19.43 -20.32 -6.06
C LEU A 22 -18.91 -20.69 -7.44
N ARG A 23 -19.16 -19.82 -8.41
CA ARG A 23 -18.63 -19.95 -9.76
C ARG A 23 -18.18 -18.57 -10.19
N GLY A 24 -17.48 -18.51 -11.32
CA GLY A 24 -17.17 -17.21 -11.88
C GLY A 24 -16.22 -17.34 -13.05
N LYS A 25 -15.90 -16.20 -13.62
CA LYS A 25 -14.90 -16.12 -14.69
C LYS A 25 -13.73 -15.30 -14.17
N SER A 26 -12.55 -15.57 -14.72
CA SER A 26 -11.37 -14.83 -14.30
C SER A 26 -11.57 -13.35 -14.55
N GLY A 27 -11.27 -12.53 -13.54
CA GLY A 27 -11.45 -11.10 -13.61
C GLY A 27 -12.89 -10.64 -13.57
N GLN A 28 -13.83 -11.53 -13.27
CA GLN A 28 -15.24 -11.18 -13.27
C GLN A 28 -15.94 -11.59 -11.98
N GLY A 29 -15.21 -11.81 -10.91
CA GLY A 29 -15.80 -12.02 -9.61
C GLY A 29 -16.33 -13.42 -9.43
N TYR A 30 -16.82 -13.69 -8.22
CA TYR A 30 -17.39 -14.98 -7.87
C TYR A 30 -18.84 -14.77 -7.47
N TYR A 31 -19.71 -15.66 -7.94
CA TYR A 31 -21.13 -15.51 -7.65
C TYR A 31 -21.70 -16.80 -7.10
N VAL A 32 -22.79 -16.63 -6.37
CA VAL A 32 -23.52 -17.68 -5.67
C VAL A 32 -24.96 -17.57 -6.13
N GLU A 33 -25.67 -18.69 -6.12
CA GLU A 33 -27.08 -18.69 -6.50
C GLU A 33 -27.95 -18.27 -5.32
N MET A 34 -28.94 -17.43 -5.62
CA MET A 34 -29.90 -16.95 -4.64
C MET A 34 -31.29 -16.92 -5.28
N THR A 35 -32.30 -16.73 -4.44
CA THR A 35 -33.67 -16.56 -4.88
C THR A 35 -34.26 -15.36 -4.17
N VAL A 36 -35.08 -14.62 -4.89
CA VAL A 36 -35.77 -13.45 -4.38
C VAL A 36 -37.25 -13.56 -4.71
N GLY A 37 -38.10 -13.18 -3.76
CA GLY A 37 -39.52 -13.04 -4.02
C GLY A 37 -40.35 -14.27 -3.69
N SER A 38 -41.61 -14.19 -4.11
CA SER A 38 -42.63 -15.21 -3.93
C SER A 38 -43.58 -15.18 -5.13
N PRO A 39 -43.58 -16.20 -5.99
CA PRO A 39 -42.73 -17.40 -5.97
C PRO A 39 -41.25 -17.08 -6.20
N PRO A 40 -40.35 -17.97 -5.76
CA PRO A 40 -38.90 -17.68 -5.85
C PRO A 40 -38.47 -17.40 -7.28
N GLN A 41 -37.67 -16.34 -7.43
CA GLN A 41 -37.02 -15.96 -8.68
C GLN A 41 -35.52 -16.18 -8.51
N THR A 42 -34.94 -17.01 -9.38
CA THR A 42 -33.54 -17.41 -9.24
C THR A 42 -32.63 -16.40 -9.95
N LEU A 43 -31.59 -15.95 -9.25
CA LEU A 43 -30.60 -15.01 -9.77
C LEU A 43 -29.21 -15.37 -9.26
N ASN A 44 -28.20 -15.16 -10.11
CA ASN A 44 -26.80 -15.28 -9.72
C ASN A 44 -26.32 -13.94 -9.15
N ILE A 45 -25.68 -13.99 -7.99
CA ILE A 45 -25.36 -12.79 -7.21
C ILE A 45 -23.87 -12.76 -6.90
N LEU A 46 -23.22 -11.65 -7.27
CA LEU A 46 -21.79 -11.50 -7.05
C LEU A 46 -21.48 -11.31 -5.57
N VAL A 47 -20.51 -12.06 -5.08
CA VAL A 47 -20.15 -12.05 -3.66
C VAL A 47 -19.08 -10.99 -3.47
N ASP A 48 -19.43 -9.91 -2.73
CA ASP A 48 -18.60 -8.71 -2.60
C ASP A 48 -18.39 -8.37 -1.12
N THR A 49 -17.20 -8.65 -0.59
CA THR A 49 -16.89 -8.21 0.77
C THR A 49 -16.40 -6.77 0.82
N GLY A 50 -16.37 -6.08 -0.32
CA GLY A 50 -15.98 -4.68 -0.37
C GLY A 50 -17.11 -3.67 -0.36
N SER A 51 -18.36 -4.10 -0.20
CA SER A 51 -19.50 -3.18 -0.14
C SER A 51 -20.55 -3.81 0.74
N SER A 52 -21.67 -3.09 0.93
CA SER A 52 -22.66 -3.52 1.91
C SER A 52 -24.09 -3.43 1.42
N ASN A 53 -24.31 -3.26 0.12
CA ASN A 53 -25.66 -3.23 -0.43
C ASN A 53 -25.97 -4.54 -1.12
N PHE A 54 -27.15 -5.07 -0.86
CA PHE A 54 -27.67 -6.17 -1.64
C PHE A 54 -28.49 -5.52 -2.74
N ALA A 55 -28.13 -5.79 -3.99
CA ALA A 55 -28.79 -5.18 -5.14
C ALA A 55 -28.81 -6.16 -6.31
N VAL A 56 -29.89 -6.13 -7.08
CA VAL A 56 -30.04 -7.01 -8.23
C VAL A 56 -30.64 -6.20 -9.39
N GLY A 57 -30.24 -6.53 -10.61
CA GLY A 57 -30.90 -5.94 -11.77
C GLY A 57 -32.40 -6.20 -11.75
N ALA A 58 -33.17 -5.15 -12.08
CA ALA A 58 -34.63 -5.21 -12.06
C ALA A 58 -35.27 -4.57 -13.28
N ALA A 59 -34.52 -4.41 -14.37
CA ALA A 59 -34.99 -3.79 -15.60
C ALA A 59 -34.13 -4.31 -16.73
N PRO A 60 -34.65 -4.39 -17.96
CA PRO A 60 -33.86 -4.94 -19.06
C PRO A 60 -32.50 -4.26 -19.18
N HIS A 61 -31.50 -5.04 -19.58
CA HIS A 61 -30.15 -4.51 -19.79
C HIS A 61 -29.49 -5.46 -20.79
N PRO A 62 -28.74 -4.94 -21.76
CA PRO A 62 -28.13 -5.80 -22.79
C PRO A 62 -27.30 -6.96 -22.24
N PHE A 63 -26.69 -6.78 -21.07
CA PHE A 63 -25.78 -7.75 -20.50
C PHE A 63 -26.45 -8.67 -19.47
N LEU A 64 -27.76 -8.54 -19.27
CA LEU A 64 -28.50 -9.33 -18.31
C LEU A 64 -29.28 -10.43 -19.02
N HIS A 65 -29.16 -11.66 -18.53
CA HIS A 65 -29.97 -12.74 -19.08
C HIS A 65 -31.37 -12.78 -18.47
N ARG A 66 -31.54 -12.18 -17.30
CA ARG A 66 -32.79 -12.21 -16.56
C ARG A 66 -32.68 -11.15 -15.48
N TYR A 67 -33.82 -10.79 -14.90
CA TYR A 67 -33.79 -9.73 -13.90
C TYR A 67 -34.96 -9.90 -12.95
N TYR A 68 -34.82 -9.26 -11.79
CA TYR A 68 -35.81 -9.29 -10.72
C TYR A 68 -37.05 -8.56 -11.18
N GLN A 69 -38.18 -9.25 -11.15
CA GLN A 69 -39.47 -8.70 -11.61
C GLN A 69 -40.36 -8.49 -10.40
N ARG A 70 -40.31 -7.28 -9.82
CA ARG A 70 -41.07 -7.00 -8.60
C ARG A 70 -42.56 -7.26 -8.79
N GLN A 71 -43.06 -6.97 -9.98
CA GLN A 71 -44.48 -7.11 -10.26
C GLN A 71 -44.99 -8.54 -10.09
N LEU A 72 -44.11 -9.54 -10.00
CA LEU A 72 -44.48 -10.93 -9.86
C LEU A 72 -44.34 -11.48 -8.46
N SER A 73 -43.86 -10.72 -7.51
CA SER A 73 -43.57 -11.23 -6.18
C SER A 73 -44.64 -10.76 -5.22
N SER A 74 -45.43 -11.68 -4.69
CA SER A 74 -46.48 -11.28 -3.76
C SER A 74 -45.88 -10.73 -2.47
N THR A 75 -44.63 -11.04 -2.17
CA THR A 75 -43.99 -10.58 -0.94
C THR A 75 -43.21 -9.28 -1.09
N TYR A 76 -43.22 -8.66 -2.28
CA TYR A 76 -42.50 -7.39 -2.45
C TYR A 76 -43.15 -6.26 -1.68
N ARG A 77 -42.33 -5.38 -1.12
CA ARG A 77 -42.79 -4.19 -0.41
C ARG A 77 -41.88 -3.05 -0.82
N ASP A 78 -42.43 -2.07 -1.51
CA ASP A 78 -41.68 -0.89 -1.92
C ASP A 78 -41.34 -0.04 -0.71
N LEU A 79 -40.16 0.57 -0.73
CA LEU A 79 -39.74 1.44 0.36
C LEU A 79 -39.88 2.92 0.03
N ARG A 80 -40.36 3.26 -1.17
CA ARG A 80 -40.50 4.67 -1.58
C ARG A 80 -39.26 5.48 -1.24
N LYS A 81 -38.10 4.95 -1.66
CA LYS A 81 -36.81 5.57 -1.39
C LYS A 81 -35.82 5.13 -2.47
N GLY A 82 -35.10 6.08 -3.08
CA GLY A 82 -34.10 5.74 -4.09
C GLY A 82 -32.71 5.49 -3.48
N VAL A 83 -31.81 4.97 -4.31
CA VAL A 83 -30.46 4.62 -3.88
C VAL A 83 -29.57 4.57 -5.11
N TYR A 84 -28.29 4.87 -4.90
CA TYR A 84 -27.22 4.68 -5.89
C TYR A 84 -25.94 4.34 -5.15
N VAL A 85 -25.09 3.54 -5.79
CA VAL A 85 -23.82 3.16 -5.20
C VAL A 85 -22.74 3.46 -6.21
N PRO A 86 -21.76 4.34 -5.90
CA PRO A 86 -20.62 4.54 -6.79
C PRO A 86 -19.42 3.72 -6.31
N TYR A 87 -19.03 2.69 -7.05
CA TYR A 87 -17.88 1.90 -6.64
C TYR A 87 -16.59 2.56 -7.13
N THR A 88 -15.45 1.90 -6.89
CA THR A 88 -14.19 2.40 -7.42
C THR A 88 -14.30 2.59 -8.93
N GLN A 89 -14.95 1.65 -9.60
CA GLN A 89 -15.25 1.71 -11.01
C GLN A 89 -16.64 1.10 -11.21
N GLY A 90 -17.50 1.82 -11.91
CA GLY A 90 -18.86 1.34 -12.12
C GLY A 90 -19.82 1.88 -11.07
N LYS A 91 -21.08 1.97 -11.46
CA LYS A 91 -22.08 2.48 -10.55
C LYS A 91 -23.45 2.08 -11.06
N TRP A 92 -24.43 2.16 -10.16
CA TRP A 92 -25.82 1.88 -10.50
C TRP A 92 -26.70 2.70 -9.57
N GLU A 93 -27.97 2.82 -9.96
CA GLU A 93 -28.99 3.48 -9.16
C GLU A 93 -30.26 2.63 -9.23
N GLY A 94 -31.16 2.83 -8.27
CA GLY A 94 -32.39 2.06 -8.29
C GLY A 94 -33.36 2.43 -7.19
N GLU A 95 -34.25 1.48 -6.89
CA GLU A 95 -35.33 1.65 -5.93
C GLU A 95 -35.16 0.69 -4.76
N LEU A 96 -35.29 1.18 -3.54
CA LEU A 96 -35.20 0.32 -2.36
C LEU A 96 -36.54 -0.35 -2.05
N GLY A 97 -36.47 -1.55 -1.49
CA GLY A 97 -37.62 -2.34 -1.11
C GLY A 97 -37.17 -3.54 -0.31
N THR A 98 -38.13 -4.35 0.11
CA THR A 98 -37.81 -5.57 0.85
C THR A 98 -38.48 -6.77 0.19
N ASP A 99 -37.94 -7.95 0.44
CA ASP A 99 -38.50 -9.18 -0.10
C ASP A 99 -37.82 -10.36 0.60
N LEU A 100 -38.41 -11.54 0.43
CA LEU A 100 -37.84 -12.75 1.02
C LEU A 100 -36.71 -13.26 0.15
N VAL A 101 -35.61 -13.63 0.80
CA VAL A 101 -34.39 -14.04 0.10
C VAL A 101 -33.92 -15.35 0.71
N SER A 102 -33.38 -16.23 -0.14
CA SER A 102 -32.81 -17.47 0.34
C SER A 102 -31.62 -17.84 -0.53
N ILE A 103 -30.77 -18.72 0.01
CA ILE A 103 -29.60 -19.22 -0.69
C ILE A 103 -29.76 -20.74 -0.85
N PRO A 104 -30.13 -21.22 -2.06
CA PRO A 104 -30.36 -22.67 -2.23
C PRO A 104 -29.23 -23.53 -1.71
N HIS A 105 -27.99 -23.28 -2.13
CA HIS A 105 -26.82 -23.99 -1.63
C HIS A 105 -26.15 -23.23 -0.48
N GLY A 106 -26.98 -22.83 0.49
CA GLY A 106 -26.53 -22.12 1.65
C GLY A 106 -27.29 -22.62 2.86
N PRO A 107 -27.36 -21.83 3.94
CA PRO A 107 -28.16 -22.25 5.09
C PRO A 107 -29.61 -22.45 4.66
N ASN A 108 -30.30 -23.32 5.37
CA ASN A 108 -31.65 -23.70 4.95
C ASN A 108 -32.66 -22.77 5.63
N VAL A 109 -32.61 -21.49 5.23
CA VAL A 109 -33.42 -20.43 5.84
C VAL A 109 -33.82 -19.42 4.77
N THR A 110 -34.73 -18.53 5.15
CA THR A 110 -35.27 -17.47 4.32
C THR A 110 -35.42 -16.23 5.19
N VAL A 111 -34.96 -15.09 4.69
CA VAL A 111 -34.98 -13.85 5.46
C VAL A 111 -35.60 -12.76 4.62
N ARG A 112 -36.26 -11.81 5.31
CA ARG A 112 -36.71 -10.59 4.66
C ARG A 112 -35.55 -9.61 4.74
N ALA A 113 -35.06 -9.18 3.57
CA ALA A 113 -33.88 -8.34 3.53
C ALA A 113 -34.15 -7.14 2.63
N ASN A 114 -33.31 -6.13 2.79
CA ASN A 114 -33.40 -4.97 1.91
C ASN A 114 -32.84 -5.33 0.54
N ILE A 115 -33.52 -4.87 -0.50
CA ILE A 115 -33.10 -5.10 -1.87
C ILE A 115 -33.19 -3.81 -2.67
N ALA A 116 -32.12 -3.47 -3.35
CA ALA A 116 -32.09 -2.36 -4.28
C ALA A 116 -32.35 -2.93 -5.67
N ALA A 117 -33.49 -2.55 -6.26
CA ALA A 117 -33.81 -2.91 -7.62
C ALA A 117 -33.08 -1.97 -8.60
N ILE A 118 -32.07 -2.50 -9.29
CA ILE A 118 -31.28 -1.68 -10.20
C ILE A 118 -32.07 -1.38 -11.46
N THR A 119 -32.35 -0.10 -11.69
CA THR A 119 -33.03 0.34 -12.90
C THR A 119 -32.11 0.95 -13.94
N GLU A 120 -30.92 1.41 -13.54
CA GLU A 120 -29.94 1.97 -14.46
C GLU A 120 -28.57 1.66 -13.90
N SER A 121 -27.60 1.52 -14.80
CA SER A 121 -26.26 1.18 -14.38
C SER A 121 -25.27 1.70 -15.40
N ASP A 122 -24.00 1.79 -14.99
CA ASP A 122 -22.94 2.31 -15.84
C ASP A 122 -21.67 1.52 -15.56
N LYS A 123 -21.22 0.77 -16.56
CA LYS A 123 -19.97 0.03 -16.47
C LYS A 123 -19.96 -0.86 -15.22
N PHE A 124 -21.12 -1.43 -14.92
CA PHE A 124 -21.30 -2.31 -13.76
C PHE A 124 -21.49 -3.75 -14.23
N PHE A 125 -22.58 -4.05 -14.92
CA PHE A 125 -22.76 -5.39 -15.46
C PHE A 125 -21.74 -5.65 -16.56
N ILE A 126 -21.26 -6.89 -16.59
CA ILE A 126 -20.18 -7.30 -17.48
C ILE A 126 -20.79 -8.16 -18.58
N ASN A 127 -20.39 -7.92 -19.82
CA ASN A 127 -20.96 -8.66 -20.94
C ASN A 127 -20.64 -10.14 -20.82
N GLY A 128 -21.69 -10.97 -20.73
CA GLY A 128 -21.57 -12.40 -20.58
C GLY A 128 -20.89 -12.86 -19.31
N SER A 129 -21.43 -12.53 -18.15
CA SER A 129 -20.79 -12.90 -16.89
C SER A 129 -21.56 -13.93 -16.08
N ASN A 130 -22.86 -14.04 -16.31
CA ASN A 130 -23.78 -15.00 -15.71
C ASN A 130 -24.31 -14.53 -14.37
N TRP A 131 -23.91 -13.38 -13.85
CA TRP A 131 -24.51 -12.85 -12.64
C TRP A 131 -25.31 -11.58 -12.93
N GLU A 132 -26.34 -11.35 -12.11
CA GLU A 132 -27.33 -10.30 -12.30
C GLU A 132 -27.51 -9.38 -11.11
N GLY A 133 -26.71 -9.53 -10.07
CA GLY A 133 -26.86 -8.74 -8.87
C GLY A 133 -25.60 -8.85 -8.04
N ILE A 134 -25.63 -8.18 -6.89
CA ILE A 134 -24.46 -8.08 -6.03
C ILE A 134 -24.87 -8.21 -4.57
N LEU A 135 -24.08 -8.96 -3.81
CA LEU A 135 -24.28 -9.16 -2.38
C LEU A 135 -23.12 -8.49 -1.65
N GLY A 136 -23.35 -7.29 -1.13
CA GLY A 136 -22.33 -6.65 -0.31
C GLY A 136 -22.34 -7.23 1.09
N LEU A 137 -21.23 -7.83 1.52
CA LEU A 137 -21.13 -8.49 2.81
C LEU A 137 -20.41 -7.66 3.88
N ALA A 138 -20.06 -6.40 3.60
CA ALA A 138 -19.39 -5.57 4.59
C ALA A 138 -20.43 -4.90 5.50
N TYR A 139 -19.98 -3.98 6.36
CA TYR A 139 -20.79 -3.49 7.48
C TYR A 139 -21.68 -2.32 7.09
N ALA A 140 -22.63 -2.01 7.98
CA ALA A 140 -23.63 -0.97 7.71
C ALA A 140 -22.99 0.39 7.46
N GLU A 141 -21.87 0.68 8.14
CA GLU A 141 -21.24 2.00 8.06
C GLU A 141 -21.08 2.50 6.63
N ILE A 142 -20.94 1.62 5.65
CA ILE A 142 -20.73 2.05 4.28
C ILE A 142 -21.92 1.73 3.38
N ALA A 143 -23.08 1.42 3.95
CA ALA A 143 -24.25 1.16 3.14
C ALA A 143 -24.79 2.46 2.54
N ARG A 144 -25.36 2.36 1.33
CA ARG A 144 -25.98 3.52 0.71
C ARG A 144 -27.51 3.39 0.78
N PRO A 145 -28.23 4.48 1.03
CA PRO A 145 -27.77 5.86 1.20
C PRO A 145 -27.09 6.17 2.54
N ASP A 146 -27.32 5.34 3.55
CA ASP A 146 -26.74 5.61 4.86
C ASP A 146 -26.71 4.33 5.68
N ASP A 147 -26.08 4.41 6.85
CA ASP A 147 -25.92 3.18 7.62
C ASP A 147 -27.19 2.70 8.28
N SER A 148 -28.36 3.24 8.00
CA SER A 148 -29.59 2.69 8.53
C SER A 148 -30.20 1.64 7.62
N LEU A 149 -29.63 1.42 6.44
CA LEU A 149 -30.09 0.35 5.55
C LEU A 149 -29.34 -0.92 5.92
N GLU A 150 -29.95 -1.73 6.80
CA GLU A 150 -29.35 -2.95 7.32
C GLU A 150 -28.88 -3.86 6.17
N PRO A 151 -27.60 -4.23 6.14
CA PRO A 151 -27.12 -5.11 5.06
C PRO A 151 -27.66 -6.52 5.20
N PHE A 152 -27.62 -7.26 4.08
CA PHE A 152 -28.15 -8.62 4.03
C PHE A 152 -27.67 -9.48 5.20
N PHE A 153 -26.34 -9.60 5.36
CA PHE A 153 -25.82 -10.51 6.38
C PHE A 153 -26.27 -10.14 7.79
N ASP A 154 -26.39 -8.84 8.09
CA ASP A 154 -26.91 -8.45 9.39
C ASP A 154 -28.36 -8.95 9.58
N SER A 155 -29.18 -8.83 8.54
CA SER A 155 -30.53 -9.34 8.57
C SER A 155 -30.56 -10.85 8.78
N LEU A 156 -29.69 -11.58 8.07
CA LEU A 156 -29.63 -13.03 8.20
C LEU A 156 -29.38 -13.44 9.65
N VAL A 157 -28.29 -12.92 10.22
CA VAL A 157 -27.91 -13.22 11.59
C VAL A 157 -28.98 -12.79 12.59
N LYS A 158 -29.62 -11.66 12.34
CA LYS A 158 -30.56 -11.14 13.32
C LYS A 158 -31.91 -11.87 13.29
N GLN A 159 -32.30 -12.49 12.17
CA GLN A 159 -33.57 -13.17 12.01
C GLN A 159 -33.52 -14.69 12.13
N THR A 160 -32.34 -15.30 12.07
CA THR A 160 -32.17 -16.74 12.18
C THR A 160 -31.13 -17.03 13.25
N HIS A 161 -30.79 -18.31 13.41
CA HIS A 161 -29.71 -18.70 14.31
C HIS A 161 -28.39 -18.87 13.58
N VAL A 162 -28.28 -18.40 12.36
CA VAL A 162 -27.01 -18.52 11.63
C VAL A 162 -25.94 -17.77 12.42
N PRO A 163 -24.85 -18.41 12.80
CA PRO A 163 -23.81 -17.69 13.54
C PRO A 163 -23.22 -16.57 12.70
N ASN A 164 -22.70 -15.57 13.40
CA ASN A 164 -22.23 -14.33 12.78
C ASN A 164 -20.79 -14.46 12.27
N LEU A 165 -20.63 -15.28 11.22
CA LEU A 165 -19.36 -15.38 10.52
C LEU A 165 -19.56 -16.14 9.22
N PHE A 166 -18.64 -15.92 8.29
CA PHE A 166 -18.63 -16.63 7.02
C PHE A 166 -17.19 -16.74 6.57
N SER A 167 -16.95 -17.69 5.68
CA SER A 167 -15.62 -17.93 5.18
C SER A 167 -15.67 -18.09 3.67
N LEU A 168 -14.63 -17.61 3.01
CA LEU A 168 -14.54 -17.67 1.56
C LEU A 168 -13.30 -18.44 1.14
N GLN A 169 -13.53 -19.44 0.29
CA GLN A 169 -12.49 -20.22 -0.39
C GLN A 169 -12.67 -19.92 -1.86
N LEU A 170 -11.88 -18.97 -2.38
CA LEU A 170 -11.91 -18.61 -3.79
C LEU A 170 -10.79 -19.34 -4.52
N CYS A 171 -11.15 -20.10 -5.53
CA CYS A 171 -10.20 -20.90 -6.29
C CYS A 171 -9.97 -20.27 -7.65
N GLY A 172 -8.74 -20.40 -8.15
CA GLY A 172 -8.39 -20.00 -9.50
C GLY A 172 -8.68 -21.14 -10.46
N ALA A 173 -8.00 -21.12 -11.60
CA ALA A 173 -8.13 -22.21 -12.56
C ALA A 173 -7.16 -23.35 -12.22
N SER A 185 -15.01 -21.59 -15.43
CA SER A 185 -13.60 -21.21 -15.49
C SER A 185 -12.97 -21.16 -14.07
N VAL A 186 -13.73 -20.76 -13.05
CA VAL A 186 -13.27 -20.78 -11.66
C VAL A 186 -14.43 -21.12 -10.75
N GLY A 187 -14.11 -21.65 -9.58
CA GLY A 187 -15.12 -22.00 -8.60
C GLY A 187 -14.66 -21.62 -7.21
N GLY A 188 -15.48 -21.96 -6.24
CA GLY A 188 -15.14 -21.65 -4.86
C GLY A 188 -16.28 -22.04 -3.96
N SER A 189 -16.10 -21.74 -2.66
CA SER A 189 -17.10 -22.02 -1.65
C SER A 189 -17.33 -20.80 -0.78
N MET A 190 -18.59 -20.56 -0.41
CA MET A 190 -18.91 -19.58 0.61
C MET A 190 -19.65 -20.33 1.73
N ILE A 191 -18.98 -20.57 2.84
CA ILE A 191 -19.58 -21.20 4.01
C ILE A 191 -20.24 -20.13 4.87
N ILE A 192 -21.57 -20.09 4.88
CA ILE A 192 -22.30 -19.13 5.71
C ILE A 192 -22.56 -19.76 7.07
N GLY A 193 -21.98 -19.18 8.11
CA GLY A 193 -22.22 -19.61 9.49
C GLY A 193 -21.09 -20.36 10.16
N GLY A 194 -19.95 -20.55 9.51
CA GLY A 194 -18.89 -21.29 10.15
C GLY A 194 -17.73 -21.54 9.22
N ILE A 195 -16.91 -22.51 9.63
CA ILE A 195 -15.67 -22.92 9.01
C ILE A 195 -15.80 -24.38 8.61
N ASP A 196 -15.44 -24.72 7.38
CA ASP A 196 -15.44 -26.10 6.94
C ASP A 196 -13.98 -26.58 6.91
N HIS A 197 -13.64 -27.46 7.85
CA HIS A 197 -12.24 -27.88 8.05
C HIS A 197 -11.68 -28.68 6.87
N SER A 198 -12.50 -29.16 5.95
CA SER A 198 -11.97 -29.83 4.79
C SER A 198 -11.54 -28.85 3.71
N LEU A 199 -11.72 -27.55 3.91
CA LEU A 199 -11.34 -26.58 2.89
C LEU A 199 -9.94 -25.97 3.09
N TYR A 200 -9.21 -26.35 4.13
CA TYR A 200 -7.88 -25.77 4.33
C TYR A 200 -6.98 -26.77 5.04
N THR A 201 -5.67 -26.48 5.01
CA THR A 201 -4.63 -27.23 5.70
C THR A 201 -3.87 -26.32 6.66
N GLY A 202 -3.15 -26.95 7.60
CA GLY A 202 -2.38 -26.14 8.52
C GLY A 202 -3.23 -25.33 9.49
N SER A 203 -2.61 -24.29 10.03
CA SER A 203 -3.21 -23.44 11.06
C SER A 203 -3.87 -22.20 10.47
N LEU A 204 -4.94 -21.76 11.11
CA LEU A 204 -5.58 -20.49 10.80
C LEU A 204 -4.93 -19.38 11.60
N TRP A 205 -4.46 -18.33 10.93
CA TRP A 205 -3.89 -17.16 11.59
C TRP A 205 -4.84 -15.98 11.47
N TYR A 206 -5.08 -15.30 12.59
CA TYR A 206 -6.07 -14.26 12.69
C TYR A 206 -5.42 -12.89 12.80
N THR A 207 -6.01 -11.94 12.09
CA THR A 207 -5.65 -10.54 12.21
C THR A 207 -6.88 -9.74 12.61
N PRO A 208 -6.75 -8.75 13.48
CA PRO A 208 -7.96 -8.02 13.92
C PRO A 208 -8.59 -7.20 12.80
N ILE A 209 -9.91 -7.11 12.84
CA ILE A 209 -10.67 -6.17 12.03
C ILE A 209 -10.56 -4.80 12.70
N ARG A 210 -9.78 -3.90 12.11
CA ARG A 210 -9.43 -2.64 12.77
C ARG A 210 -10.66 -1.82 13.11
N ARG A 211 -11.61 -1.75 12.21
CA ARG A 211 -12.81 -0.95 12.38
C ARG A 211 -13.87 -1.56 11.47
N GLU A 212 -15.12 -1.61 11.96
CA GLU A 212 -16.18 -2.32 11.24
C GLU A 212 -16.90 -1.42 10.23
N TRP A 213 -16.29 -1.30 9.05
CA TRP A 213 -16.97 -0.63 7.94
C TRP A 213 -16.68 -1.42 6.67
N TYR A 214 -15.49 -1.24 6.10
CA TYR A 214 -14.93 -2.27 5.25
C TYR A 214 -14.38 -3.35 6.16
N TYR A 215 -13.88 -4.44 5.60
CA TYR A 215 -13.09 -5.38 6.40
C TYR A 215 -11.67 -4.86 6.44
N GLU A 216 -11.44 -3.87 7.31
CA GLU A 216 -10.14 -3.20 7.39
C GLU A 216 -9.16 -3.93 8.30
N VAL A 217 -7.93 -4.10 7.81
CA VAL A 217 -6.84 -4.77 8.50
C VAL A 217 -5.59 -3.90 8.45
N ILE A 218 -4.56 -4.27 9.21
CA ILE A 218 -3.31 -3.51 9.28
C ILE A 218 -2.16 -4.38 8.80
N ILE A 219 -1.52 -3.96 7.71
CA ILE A 219 -0.33 -4.61 7.18
C ILE A 219 0.88 -4.01 7.87
N VAL A 220 1.73 -4.86 8.46
CA VAL A 220 2.82 -4.35 9.27
C VAL A 220 4.17 -4.51 8.61
N ARG A 221 4.27 -5.29 7.53
CA ARG A 221 5.56 -5.50 6.88
C ARG A 221 5.31 -6.09 5.49
N VAL A 222 6.18 -5.74 4.54
CA VAL A 222 6.05 -6.23 3.18
C VAL A 222 7.42 -6.70 2.70
N GLU A 223 7.48 -7.92 2.17
CA GLU A 223 8.73 -8.46 1.65
C GLU A 223 8.51 -9.01 0.25
N ILE A 224 9.51 -8.85 -0.60
CA ILE A 224 9.50 -9.36 -1.96
C ILE A 224 10.73 -10.25 -2.12
N ASN A 225 10.50 -11.51 -2.48
CA ASN A 225 11.58 -12.49 -2.52
C ASN A 225 12.45 -12.43 -1.27
N GLY A 226 11.81 -12.24 -0.11
CA GLY A 226 12.53 -12.18 1.15
C GLY A 226 13.21 -10.87 1.48
N GLN A 227 13.10 -9.83 0.64
CA GLN A 227 13.76 -8.56 0.91
C GLN A 227 12.73 -7.54 1.37
N ASP A 228 12.95 -6.98 2.54
CA ASP A 228 12.00 -6.02 3.09
C ASP A 228 11.95 -4.77 2.20
N LEU A 229 10.75 -4.27 1.95
CA LEU A 229 10.62 -3.00 1.22
C LEU A 229 11.09 -1.82 2.05
N LYS A 230 11.31 -2.00 3.35
CA LYS A 230 11.89 -0.97 4.21
C LYS A 230 11.21 0.38 4.03
N MET A 231 9.91 0.38 4.23
CA MET A 231 9.10 1.59 4.15
C MET A 231 8.47 1.81 5.51
N ASP A 232 8.12 3.07 5.76
CA ASP A 232 7.29 3.39 6.91
C ASP A 232 6.02 2.59 6.80
N CYS A 233 5.78 1.69 7.75
CA CYS A 233 4.63 0.81 7.63
C CYS A 233 3.32 1.56 7.58
N LYS A 234 3.31 2.86 7.86
CA LYS A 234 2.11 3.64 7.63
C LYS A 234 1.77 3.69 6.14
N GLU A 235 2.81 3.64 5.27
CA GLU A 235 2.59 3.69 3.82
C GLU A 235 1.80 2.48 3.32
N TYR A 236 1.94 1.34 3.99
CA TYR A 236 1.21 0.16 3.57
C TYR A 236 -0.29 0.29 3.79
N ASN A 237 -0.71 1.17 4.70
CA ASN A 237 -2.13 1.27 5.05
C ASN A 237 -2.68 2.68 4.84
N TYR A 238 -2.20 3.37 3.81
CA TYR A 238 -2.63 4.73 3.49
C TYR A 238 -3.58 4.67 2.30
N ASP A 239 -4.84 5.05 2.52
CA ASP A 239 -5.33 5.52 3.81
C ASP A 239 -6.07 4.38 4.54
N LYS A 240 -5.99 3.16 4.01
CA LYS A 240 -6.60 1.97 4.62
C LYS A 240 -6.22 0.76 3.80
N SER A 241 -6.28 -0.40 4.45
CA SER A 241 -6.14 -1.70 3.81
C SER A 241 -7.42 -2.49 4.09
N ILE A 242 -7.96 -3.17 3.07
CA ILE A 242 -9.18 -3.94 3.21
C ILE A 242 -9.06 -5.28 2.50
N VAL A 243 -9.93 -6.21 2.89
CA VAL A 243 -10.08 -7.52 2.24
C VAL A 243 -11.35 -7.47 1.40
N ASP A 244 -11.20 -7.54 0.08
CA ASP A 244 -12.27 -7.15 -0.85
C ASP A 244 -12.44 -8.19 -1.97
N SER A 245 -13.42 -9.08 -1.85
CA SER A 245 -13.61 -10.06 -2.91
C SER A 245 -14.22 -9.47 -4.18
N GLY A 246 -14.76 -8.26 -4.10
CA GLY A 246 -15.28 -7.59 -5.27
C GLY A 246 -14.26 -6.87 -6.12
N THR A 247 -13.01 -6.84 -5.69
CA THR A 247 -11.93 -6.26 -6.48
C THR A 247 -10.99 -7.38 -6.93
N THR A 248 -10.69 -7.39 -8.21
CA THR A 248 -9.81 -8.41 -8.78
C THR A 248 -8.38 -8.28 -8.27
N ASN A 249 -7.79 -7.11 -8.45
CA ASN A 249 -6.35 -6.94 -8.27
C ASN A 249 -5.94 -6.75 -6.81
N LEU A 250 -4.63 -6.83 -6.61
CA LEU A 250 -4.00 -6.25 -5.43
C LEU A 250 -3.71 -4.78 -5.78
N ARG A 251 -4.38 -3.86 -5.09
CA ARG A 251 -4.27 -2.44 -5.34
C ARG A 251 -3.38 -1.84 -4.26
N LEU A 252 -2.34 -1.14 -4.68
CA LEU A 252 -1.36 -0.59 -3.76
C LEU A 252 -1.29 0.92 -3.88
N PRO A 253 -1.21 1.65 -2.76
CA PRO A 253 -1.05 3.10 -2.83
C PRO A 253 0.21 3.48 -3.61
N LYS A 254 0.18 4.68 -4.19
CA LYS A 254 1.20 5.18 -5.11
C LYS A 254 2.63 4.80 -4.71
N LYS A 255 3.06 5.19 -3.51
CA LYS A 255 4.44 4.96 -3.10
C LYS A 255 4.77 3.48 -2.95
N VAL A 256 3.81 2.66 -2.52
CA VAL A 256 4.05 1.22 -2.40
C VAL A 256 4.05 0.54 -3.76
N PHE A 257 3.14 0.95 -4.64
CA PHE A 257 3.08 0.38 -5.99
C PHE A 257 4.40 0.60 -6.73
N GLU A 258 4.97 1.80 -6.59
CA GLU A 258 6.23 2.09 -7.26
C GLU A 258 7.36 1.22 -6.74
N ALA A 259 7.44 1.04 -5.42
CA ALA A 259 8.50 0.19 -4.88
C ALA A 259 8.30 -1.27 -5.27
N ALA A 260 7.05 -1.75 -5.25
CA ALA A 260 6.78 -3.15 -5.59
C ALA A 260 7.07 -3.42 -7.06
N VAL A 261 6.61 -2.54 -7.95
CA VAL A 261 6.85 -2.76 -9.38
C VAL A 261 8.34 -2.74 -9.68
N LYS A 262 9.04 -1.75 -9.14
CA LYS A 262 10.48 -1.69 -9.38
C LYS A 262 11.14 -2.98 -8.96
N SER A 263 10.72 -3.52 -7.82
CA SER A 263 11.30 -4.77 -7.33
C SER A 263 10.92 -5.94 -8.23
N ILE A 264 9.66 -6.01 -8.67
CA ILE A 264 9.23 -7.11 -9.54
C ILE A 264 9.89 -7.02 -10.92
N LYS A 265 10.04 -5.81 -11.45
CA LYS A 265 10.68 -5.65 -12.77
C LYS A 265 12.12 -6.16 -12.75
N ALA A 266 12.85 -5.82 -11.69
CA ALA A 266 14.24 -6.22 -11.58
C ALA A 266 14.38 -7.73 -11.45
N ALA A 267 13.49 -8.37 -10.67
CA ALA A 267 13.57 -9.82 -10.51
C ALA A 267 13.35 -10.54 -11.83
N SER A 268 12.57 -9.94 -12.73
CA SER A 268 12.21 -10.52 -14.01
C SER A 268 12.84 -9.81 -15.21
N SER A 269 13.93 -9.05 -14.99
CA SER A 269 14.62 -8.34 -16.06
C SER A 269 15.15 -9.28 -17.15
N THR A 270 15.29 -10.57 -16.85
CA THR A 270 15.68 -11.56 -17.86
C THR A 270 14.86 -11.43 -19.14
N GLU A 271 13.59 -11.14 -19.00
CA GLU A 271 12.69 -10.97 -20.12
C GLU A 271 12.14 -9.54 -20.16
N LYS A 272 11.59 -9.17 -21.32
CA LYS A 272 11.10 -7.81 -21.53
C LYS A 272 9.60 -7.82 -21.82
N PHE A 273 8.91 -6.87 -21.21
CA PHE A 273 7.46 -6.67 -21.36
C PHE A 273 7.19 -5.20 -21.62
N PRO A 274 6.13 -4.88 -22.37
CA PRO A 274 5.81 -3.46 -22.59
C PRO A 274 5.41 -2.77 -21.29
N ASP A 275 5.74 -1.48 -21.20
CA ASP A 275 5.31 -0.69 -20.04
C ASP A 275 3.80 -0.66 -19.90
N GLY A 276 3.07 -0.90 -21.00
CA GLY A 276 1.63 -1.09 -20.92
C GLY A 276 1.23 -2.36 -20.20
N PHE A 277 2.16 -3.31 -20.05
CA PHE A 277 1.89 -4.51 -19.27
C PHE A 277 1.92 -4.19 -17.78
N TRP A 278 2.96 -3.47 -17.34
CA TRP A 278 3.06 -3.04 -15.95
C TRP A 278 1.99 -2.04 -15.55
N LEU A 279 1.23 -1.51 -16.51
CA LEU A 279 0.08 -0.66 -16.23
C LEU A 279 -1.21 -1.46 -16.23
N GLY A 280 -1.13 -2.78 -16.39
CA GLY A 280 -2.27 -3.66 -16.30
C GLY A 280 -3.23 -3.64 -17.47
N GLU A 281 -2.81 -3.13 -18.63
CA GLU A 281 -3.66 -3.05 -19.81
C GLU A 281 -3.28 -4.07 -20.87
N GLN A 282 -1.99 -4.19 -21.19
CA GLN A 282 -1.52 -5.15 -22.16
C GLN A 282 -1.22 -6.50 -21.50
N LEU A 283 -1.46 -7.56 -22.26
CA LEU A 283 -1.22 -8.93 -21.84
C LEU A 283 0.08 -9.45 -22.44
N VAL A 284 0.87 -10.16 -21.62
CA VAL A 284 2.11 -10.82 -22.03
C VAL A 284 1.82 -12.30 -22.29
N CYS A 285 2.46 -12.88 -23.31
CA CYS A 285 2.25 -14.28 -23.66
C CYS A 285 3.58 -15.04 -23.75
N TRP A 286 3.45 -16.36 -23.71
CA TRP A 286 4.56 -17.30 -23.80
C TRP A 286 4.04 -18.58 -24.42
N GLN A 287 4.97 -19.40 -24.92
CA GLN A 287 4.59 -20.69 -25.50
C GLN A 287 3.83 -21.52 -24.48
N ALA A 288 2.88 -22.30 -24.98
CA ALA A 288 1.98 -23.06 -24.11
C ALA A 288 2.76 -23.98 -23.17
N GLY A 289 2.95 -23.55 -21.93
CA GLY A 289 3.63 -24.34 -20.94
C GLY A 289 5.03 -23.91 -20.59
N THR A 290 5.51 -22.77 -21.12
CA THR A 290 6.85 -22.26 -20.86
C THR A 290 6.89 -20.98 -20.03
N THR A 291 5.78 -20.57 -19.42
CA THR A 291 5.73 -19.36 -18.63
C THR A 291 6.87 -19.37 -17.61
N PRO A 292 7.74 -18.35 -17.60
CA PRO A 292 8.92 -18.34 -16.71
C PRO A 292 8.59 -17.98 -15.26
N TRP A 293 7.77 -18.82 -14.61
CA TRP A 293 7.31 -18.53 -13.25
C TRP A 293 8.45 -18.19 -12.30
N ASN A 294 9.57 -18.89 -12.43
CA ASN A 294 10.69 -18.73 -11.50
C ASN A 294 11.30 -17.33 -11.51
N ILE A 295 11.08 -16.52 -12.56
CA ILE A 295 11.68 -15.19 -12.60
C ILE A 295 10.81 -14.16 -11.90
N PHE A 296 9.57 -14.49 -11.60
CA PHE A 296 8.70 -13.57 -10.87
C PHE A 296 8.77 -13.89 -9.39
N PRO A 297 8.89 -12.87 -8.55
CA PRO A 297 9.07 -13.08 -7.11
C PRO A 297 7.76 -13.38 -6.37
N VAL A 298 7.91 -13.85 -5.13
CA VAL A 298 6.79 -14.02 -4.22
C VAL A 298 6.66 -12.76 -3.36
N ILE A 299 5.43 -12.40 -3.01
CA ILE A 299 5.14 -11.24 -2.17
C ILE A 299 4.60 -11.73 -0.84
N SER A 300 5.27 -11.33 0.25
CA SER A 300 4.89 -11.66 1.62
C SER A 300 4.28 -10.44 2.29
N LEU A 301 3.02 -10.56 2.69
CA LEU A 301 2.31 -9.54 3.46
C LEU A 301 2.26 -9.98 4.91
N TYR A 302 2.86 -9.20 5.81
CA TYR A 302 2.78 -9.44 7.25
C TYR A 302 1.60 -8.69 7.85
N LEU A 303 0.74 -9.38 8.58
CA LEU A 303 -0.46 -8.80 9.14
C LEU A 303 -0.37 -8.80 10.65
N MET A 304 -0.97 -7.77 11.27
CA MET A 304 -0.99 -7.71 12.73
C MET A 304 -1.66 -8.95 13.29
N GLY A 305 -1.08 -9.51 14.34
CA GLY A 305 -1.61 -10.67 15.01
C GLY A 305 -2.58 -10.33 16.14
N GLU A 306 -2.97 -11.37 16.86
CA GLU A 306 -3.89 -11.28 17.99
C GLU A 306 -3.21 -11.01 19.30
N VAL A 307 -1.90 -11.15 19.35
CA VAL A 307 -1.14 -11.06 20.58
C VAL A 307 -0.09 -9.96 20.48
N THR A 308 0.32 -9.41 21.63
CA THR A 308 1.20 -8.25 21.68
C THR A 308 2.49 -8.52 20.89
N ASN A 309 2.86 -7.55 20.06
CA ASN A 309 4.10 -7.61 19.26
C ASN A 309 4.15 -8.84 18.36
N GLN A 310 3.02 -9.41 17.97
CA GLN A 310 3.01 -10.62 17.16
C GLN A 310 2.27 -10.40 15.84
N SER A 311 2.86 -10.90 14.77
CA SER A 311 2.32 -10.87 13.42
C SER A 311 2.42 -12.24 12.77
N PHE A 312 1.97 -12.30 11.51
CA PHE A 312 2.09 -13.50 10.70
C PHE A 312 2.10 -13.02 9.25
N ARG A 313 2.53 -13.90 8.33
CA ARG A 313 2.61 -13.49 6.93
C ARG A 313 1.83 -14.44 6.03
N ILE A 314 1.34 -13.90 4.92
CA ILE A 314 0.80 -14.70 3.83
C ILE A 314 1.68 -14.45 2.61
N THR A 315 2.09 -15.53 1.94
CA THR A 315 2.97 -15.41 0.79
C THR A 315 2.19 -15.65 -0.49
N ILE A 316 2.33 -14.72 -1.43
CA ILE A 316 1.59 -14.69 -2.69
C ILE A 316 2.51 -15.21 -3.80
N LEU A 317 2.03 -16.12 -4.60
CA LEU A 317 2.85 -16.58 -5.71
C LEU A 317 2.57 -15.75 -6.95
N PRO A 318 3.48 -15.75 -7.92
CA PRO A 318 3.18 -15.04 -9.18
C PRO A 318 1.99 -15.64 -9.92
N GLN A 319 1.72 -16.93 -9.76
CA GLN A 319 0.52 -17.47 -10.38
C GLN A 319 -0.75 -16.78 -9.87
N GLN A 320 -0.63 -15.96 -8.83
CA GLN A 320 -1.77 -15.23 -8.30
C GLN A 320 -1.86 -13.81 -8.88
N TYR A 321 -0.76 -13.08 -9.01
CA TYR A 321 -0.83 -11.72 -9.50
C TYR A 321 -0.52 -11.61 -11.00
N LEU A 322 -0.32 -12.73 -11.68
CA LEU A 322 -0.31 -12.77 -13.15
C LEU A 322 -1.60 -13.50 -13.50
N ARG A 323 -2.66 -12.74 -13.73
CA ARG A 323 -4.00 -13.29 -13.98
C ARG A 323 -4.04 -13.86 -15.39
N PRO A 324 -4.35 -15.14 -15.56
CA PRO A 324 -4.44 -15.70 -16.92
C PRO A 324 -5.63 -15.09 -17.64
N VAL A 325 -5.39 -14.60 -18.86
CA VAL A 325 -6.43 -13.98 -19.66
C VAL A 325 -6.64 -14.83 -20.90
N GLU A 326 -7.89 -14.89 -21.36
CA GLU A 326 -8.25 -15.81 -22.44
C GLU A 326 -7.85 -15.14 -23.74
N ASP A 327 -6.71 -15.54 -24.30
CA ASP A 327 -6.29 -14.98 -25.58
C ASP A 327 -7.14 -15.59 -26.68
N VAL A 328 -7.94 -14.76 -27.34
CA VAL A 328 -8.79 -15.21 -28.42
C VAL A 328 -8.18 -14.86 -29.78
N ALA A 329 -6.86 -14.67 -29.81
CA ALA A 329 -6.14 -14.52 -31.07
C ALA A 329 -5.70 -15.90 -31.56
N THR A 330 -4.94 -16.61 -30.74
CA THR A 330 -4.49 -17.98 -31.04
C THR A 330 -4.50 -18.72 -29.71
N SER A 331 -5.56 -19.49 -29.45
CA SER A 331 -5.68 -20.27 -28.23
C SER A 331 -4.59 -21.33 -28.12
N GLN A 332 -3.36 -21.00 -28.54
CA GLN A 332 -2.22 -21.88 -28.40
C GLN A 332 -1.11 -21.27 -27.55
N ASP A 333 -1.37 -20.15 -26.88
CA ASP A 333 -0.38 -19.54 -26.01
C ASP A 333 -0.99 -19.30 -24.65
N ASP A 334 -0.10 -19.16 -23.65
CA ASP A 334 -0.51 -18.79 -22.30
C ASP A 334 -0.29 -17.30 -22.14
N CYS A 335 -1.36 -16.58 -21.82
CA CYS A 335 -1.30 -15.13 -21.69
C CYS A 335 -1.88 -14.70 -20.36
N TYR A 336 -1.32 -13.63 -19.81
CA TYR A 336 -1.68 -13.14 -18.50
C TYR A 336 -1.69 -11.62 -18.50
N LYS A 337 -2.38 -11.05 -17.53
CA LYS A 337 -2.32 -9.63 -17.23
C LYS A 337 -1.74 -9.44 -15.84
N PHE A 338 -0.95 -8.39 -15.68
CA PHE A 338 -0.43 -7.98 -14.37
C PHE A 338 -1.59 -7.50 -13.50
N ALA A 339 -1.86 -8.20 -12.40
CA ALA A 339 -3.02 -7.90 -11.57
C ALA A 339 -2.63 -7.19 -10.27
N ILE A 340 -1.64 -6.30 -10.33
CA ILE A 340 -1.26 -5.41 -9.24
C ILE A 340 -1.36 -4.02 -9.83
N SER A 341 -2.26 -3.19 -9.30
CA SER A 341 -2.52 -1.88 -9.89
C SER A 341 -2.44 -0.78 -8.86
N GLN A 342 -2.30 0.45 -9.34
CA GLN A 342 -2.07 1.60 -8.47
C GLN A 342 -3.39 2.11 -7.88
N SER A 343 -3.32 2.59 -6.65
CA SER A 343 -4.48 3.08 -5.91
C SER A 343 -4.21 4.46 -5.31
N SER A 344 -5.28 5.24 -5.16
CA SER A 344 -5.24 6.48 -4.39
C SER A 344 -6.27 6.44 -3.28
N THR A 345 -6.77 5.24 -2.96
CA THR A 345 -7.79 5.06 -1.93
C THR A 345 -7.48 3.86 -1.02
N GLY A 346 -6.22 3.47 -0.90
CA GLY A 346 -5.76 2.48 0.05
C GLY A 346 -5.43 1.14 -0.59
N THR A 347 -4.82 0.27 0.23
CA THR A 347 -4.52 -1.08 -0.19
C THR A 347 -5.80 -1.92 -0.29
N VAL A 348 -5.94 -2.68 -1.37
CA VAL A 348 -7.07 -3.59 -1.52
C VAL A 348 -6.50 -4.99 -1.67
N MET A 349 -6.77 -5.86 -0.69
CA MET A 349 -6.43 -7.28 -0.84
C MET A 349 -7.56 -7.92 -1.65
N GLY A 350 -7.37 -7.93 -2.96
CA GLY A 350 -8.41 -8.32 -3.89
C GLY A 350 -8.55 -9.82 -4.03
N ALA A 351 -9.32 -10.21 -5.05
CA ALA A 351 -9.65 -11.62 -5.24
C ALA A 351 -8.41 -12.47 -5.52
N VAL A 352 -7.45 -11.94 -6.30
CA VAL A 352 -6.25 -12.73 -6.62
C VAL A 352 -5.39 -12.98 -5.38
N ILE A 353 -5.46 -12.11 -4.37
CA ILE A 353 -4.76 -12.39 -3.12
C ILE A 353 -5.52 -13.42 -2.31
N MET A 354 -6.85 -13.29 -2.26
CA MET A 354 -7.68 -14.22 -1.49
C MET A 354 -7.64 -15.61 -2.10
N GLU A 355 -7.45 -15.68 -3.41
CA GLU A 355 -7.40 -16.95 -4.11
C GLU A 355 -6.26 -17.84 -3.58
N GLY A 356 -6.58 -19.10 -3.32
CA GLY A 356 -5.58 -20.00 -2.74
C GLY A 356 -5.48 -19.96 -1.23
N PHE A 357 -6.21 -19.07 -0.58
CA PHE A 357 -6.31 -19.04 0.87
C PHE A 357 -7.76 -19.28 1.27
N TYR A 358 -7.93 -19.81 2.45
CA TYR A 358 -9.23 -19.91 3.07
C TYR A 358 -9.32 -18.76 4.06
N VAL A 359 -10.27 -17.86 3.83
CA VAL A 359 -10.36 -16.61 4.56
C VAL A 359 -11.61 -16.61 5.43
N VAL A 360 -11.43 -16.51 6.74
CA VAL A 360 -12.55 -16.57 7.67
C VAL A 360 -12.88 -15.14 8.12
N PHE A 361 -14.10 -14.69 7.82
CA PHE A 361 -14.57 -13.37 8.23
C PHE A 361 -15.32 -13.52 9.56
N ASP A 362 -14.54 -13.58 10.63
CA ASP A 362 -15.07 -13.82 11.98
C ASP A 362 -15.57 -12.50 12.53
N ARG A 363 -16.78 -12.14 12.11
CA ARG A 363 -17.43 -10.91 12.58
C ARG A 363 -17.67 -10.97 14.08
N ALA A 364 -18.08 -12.13 14.60
CA ALA A 364 -18.35 -12.25 16.03
C ALA A 364 -17.15 -11.86 16.87
N ARG A 365 -15.93 -12.12 16.40
CA ARG A 365 -14.74 -11.84 17.20
C ARG A 365 -13.85 -10.76 16.60
N LYS A 366 -14.38 -9.99 15.64
CA LYS A 366 -13.67 -8.88 14.97
C LYS A 366 -12.29 -9.29 14.49
N ARG A 367 -12.24 -10.35 13.69
CA ARG A 367 -10.97 -10.85 13.20
C ARG A 367 -11.18 -11.56 11.87
N ILE A 368 -10.11 -11.62 11.09
CA ILE A 368 -10.09 -12.31 9.79
C ILE A 368 -9.00 -13.35 9.84
N GLY A 369 -9.35 -14.59 9.48
CA GLY A 369 -8.44 -15.73 9.58
C GLY A 369 -7.97 -16.12 8.20
N PHE A 370 -6.71 -16.57 8.11
CA PHE A 370 -6.09 -17.04 6.87
C PHE A 370 -5.48 -18.43 7.08
N ALA A 371 -5.60 -19.27 6.07
CA ALA A 371 -5.02 -20.61 6.07
C ALA A 371 -4.78 -21.01 4.63
N VAL A 372 -3.85 -21.94 4.41
CA VAL A 372 -3.66 -22.47 3.06
C VAL A 372 -4.92 -23.20 2.62
N SER A 373 -5.43 -22.83 1.45
CA SER A 373 -6.66 -23.43 0.94
C SER A 373 -6.44 -24.85 0.42
N ALA A 374 -7.52 -25.63 0.41
CA ALA A 374 -7.47 -26.94 -0.25
C ALA A 374 -7.22 -26.81 -1.74
N CYS A 375 -7.70 -25.73 -2.37
CA CYS A 375 -7.39 -25.46 -3.78
C CYS A 375 -6.22 -24.50 -3.89
N HIS A 376 -5.13 -24.76 -3.17
CA HIS A 376 -4.02 -23.83 -3.15
C HIS A 376 -3.34 -23.78 -4.52
N VAL A 377 -2.63 -22.67 -4.75
CA VAL A 377 -2.04 -22.44 -6.06
C VAL A 377 -0.71 -23.20 -6.14
N HIS A 378 -0.54 -23.94 -7.22
CA HIS A 378 0.60 -24.84 -7.34
C HIS A 378 1.75 -24.18 -8.10
N ASP A 379 2.94 -24.43 -7.59
CA ASP A 379 4.23 -24.17 -8.23
C ASP A 379 5.02 -25.43 -7.94
N GLU A 380 5.77 -25.94 -8.91
CA GLU A 380 6.40 -27.23 -8.61
C GLU A 380 7.60 -27.10 -7.68
N PHE A 381 7.89 -25.89 -7.22
CA PHE A 381 9.03 -25.56 -6.37
C PHE A 381 8.63 -24.74 -5.14
N ARG A 382 7.79 -23.72 -5.31
CA ARG A 382 7.35 -22.83 -4.25
C ARG A 382 5.88 -23.11 -3.91
N THR A 383 5.46 -22.72 -2.71
CA THR A 383 4.06 -22.86 -2.32
C THR A 383 3.60 -21.60 -1.57
N ALA A 384 2.34 -21.26 -1.78
CA ALA A 384 1.72 -20.24 -0.96
C ALA A 384 1.73 -20.69 0.49
N ALA A 385 1.78 -19.72 1.42
CA ALA A 385 1.91 -20.10 2.82
C ALA A 385 1.27 -19.06 3.73
N VAL A 386 1.00 -19.49 4.96
CA VAL A 386 0.53 -18.65 6.06
C VAL A 386 1.34 -19.09 7.26
N GLU A 387 2.29 -18.26 7.69
CA GLU A 387 3.29 -18.68 8.67
C GLU A 387 3.39 -17.69 9.83
N GLY A 388 3.59 -18.24 11.03
CA GLY A 388 3.81 -17.46 12.22
C GLY A 388 4.32 -18.32 13.36
N PRO A 389 4.59 -17.71 14.53
CA PRO A 389 4.41 -16.27 14.76
C PRO A 389 5.67 -15.45 14.38
N PHE A 390 5.53 -14.15 14.18
CA PHE A 390 6.67 -13.28 13.96
C PHE A 390 6.59 -12.18 14.99
N VAL A 391 7.73 -11.70 15.45
CA VAL A 391 7.74 -10.57 16.37
C VAL A 391 7.84 -9.29 15.54
N THR A 392 6.96 -8.33 15.82
CA THR A 392 6.99 -7.03 15.18
C THR A 392 6.72 -5.96 16.24
N LEU A 393 7.63 -5.01 16.37
CA LEU A 393 7.41 -3.96 17.35
C LEU A 393 6.59 -2.82 16.77
N ASP A 394 5.86 -2.12 17.65
CA ASP A 394 5.14 -0.89 17.31
C ASP A 394 4.14 -1.09 16.18
N MET A 395 3.45 -2.23 16.15
CA MET A 395 2.51 -2.50 15.07
C MET A 395 1.43 -1.43 14.98
N GLU A 396 0.99 -0.91 16.12
CA GLU A 396 -0.05 0.11 16.13
C GLU A 396 0.35 1.37 15.39
N ASP A 397 1.65 1.64 15.24
CA ASP A 397 2.05 2.80 14.48
C ASP A 397 1.79 2.66 13.00
N CYS A 398 1.45 1.45 12.51
CA CYS A 398 1.27 1.26 11.08
C CYS A 398 -0.13 1.66 10.61
N GLY A 399 -1.09 1.81 11.51
CA GLY A 399 -2.41 2.26 11.11
C GLY A 399 -2.35 3.73 10.74
N TYR A 400 -3.08 4.10 9.69
CA TYR A 400 -3.11 5.48 9.24
C TYR A 400 -4.24 6.24 9.91
N ASN A 401 -4.03 7.55 10.06
CA ASN A 401 -4.97 8.43 10.72
C ASN A 401 -5.24 9.70 9.91
N SER B 14 -30.42 7.77 -18.69
CA SER B 14 -28.97 7.92 -18.77
C SER B 14 -28.43 8.88 -17.74
N PHE B 15 -29.19 9.11 -16.67
CA PHE B 15 -28.75 10.04 -15.64
C PHE B 15 -27.79 9.39 -14.65
N VAL B 16 -27.72 8.05 -14.63
CA VAL B 16 -26.77 7.39 -13.74
C VAL B 16 -25.34 7.77 -14.11
N GLU B 17 -25.06 8.08 -15.38
CA GLU B 17 -23.70 8.47 -15.77
C GLU B 17 -23.27 9.80 -15.14
N MET B 18 -24.21 10.66 -14.76
CA MET B 18 -23.87 11.96 -14.21
C MET B 18 -23.93 11.97 -12.70
N VAL B 19 -24.44 10.91 -12.11
CA VAL B 19 -24.50 10.82 -10.66
C VAL B 19 -23.09 10.81 -10.09
N ASP B 20 -22.89 11.61 -9.03
CA ASP B 20 -21.62 11.67 -8.32
C ASP B 20 -20.51 12.32 -9.18
N ASN B 21 -20.86 13.23 -10.09
CA ASN B 21 -19.87 13.84 -10.96
C ASN B 21 -19.31 15.15 -10.39
N LEU B 22 -19.64 15.49 -9.15
CA LEU B 22 -19.16 16.72 -8.53
C LEU B 22 -18.22 16.36 -7.39
N ARG B 23 -17.16 17.14 -7.24
CA ARG B 23 -16.20 17.01 -6.15
C ARG B 23 -15.97 18.39 -5.61
N GLY B 24 -15.32 18.48 -4.46
CA GLY B 24 -14.95 19.78 -3.94
C GLY B 24 -14.44 19.75 -2.52
N LYS B 25 -14.09 20.95 -2.07
CA LYS B 25 -13.63 21.17 -0.71
C LYS B 25 -14.62 22.08 0.00
N SER B 26 -14.73 21.89 1.32
CA SER B 26 -15.65 22.68 2.12
C SER B 26 -15.24 24.16 2.05
N GLY B 27 -16.23 25.01 1.82
CA GLY B 27 -15.97 26.42 1.66
C GLY B 27 -15.24 26.77 0.38
N GLN B 28 -15.10 25.81 -0.54
CA GLN B 28 -14.36 26.07 -1.77
C GLN B 28 -15.11 25.62 -3.01
N GLY B 29 -16.42 25.44 -2.89
CA GLY B 29 -17.28 25.18 -4.03
C GLY B 29 -17.30 23.73 -4.51
N TYR B 30 -18.09 23.54 -5.55
CA TYR B 30 -18.26 22.26 -6.21
C TYR B 30 -17.82 22.39 -7.65
N TYR B 31 -17.05 21.41 -8.12
CA TYR B 31 -16.53 21.45 -9.47
C TYR B 31 -16.83 20.16 -10.20
N VAL B 32 -16.84 20.29 -11.51
CA VAL B 32 -17.10 19.20 -12.44
C VAL B 32 -15.96 19.19 -13.45
N GLU B 33 -15.68 18.01 -13.99
CA GLU B 33 -14.64 17.89 -14.99
C GLU B 33 -15.21 18.24 -16.35
N MET B 34 -14.44 19.01 -17.13
CA MET B 34 -14.80 19.38 -18.50
C MET B 34 -13.54 19.30 -19.38
N THR B 35 -13.72 19.34 -20.68
CA THR B 35 -12.60 19.41 -21.61
C THR B 35 -12.88 20.52 -22.61
N VAL B 36 -11.82 21.23 -23.01
CA VAL B 36 -11.92 22.30 -24.00
C VAL B 36 -10.84 22.09 -25.05
N GLY B 37 -11.20 22.31 -26.31
CA GLY B 37 -10.24 22.32 -27.41
C GLY B 37 -10.12 20.99 -28.16
N SER B 38 -9.12 20.96 -29.04
CA SER B 38 -8.79 19.82 -29.90
C SER B 38 -7.28 19.77 -30.10
N PRO B 39 -6.58 18.77 -29.55
CA PRO B 39 -7.11 17.66 -28.74
C PRO B 39 -7.67 18.12 -27.38
N PRO B 40 -8.58 17.34 -26.80
CA PRO B 40 -9.28 17.79 -25.58
C PRO B 40 -8.31 18.10 -24.44
N GLN B 41 -8.54 19.24 -23.77
CA GLN B 41 -7.78 19.63 -22.58
C GLN B 41 -8.68 19.53 -21.35
N THR B 42 -8.28 18.70 -20.39
CA THR B 42 -9.09 18.41 -19.21
C THR B 42 -8.86 19.47 -18.14
N LEU B 43 -9.95 20.01 -17.61
CA LEU B 43 -9.94 21.03 -16.55
C LEU B 43 -11.12 20.77 -15.64
N ASN B 44 -10.91 20.99 -14.34
CA ASN B 44 -11.99 20.97 -13.36
C ASN B 44 -12.63 22.34 -13.26
N ILE B 45 -13.96 22.42 -13.33
CA ILE B 45 -14.63 23.70 -13.49
C ILE B 45 -15.67 23.89 -12.39
N LEU B 46 -15.58 25.03 -11.71
CA LEU B 46 -16.47 25.32 -10.60
C LEU B 46 -17.88 25.61 -11.11
N VAL B 47 -18.86 24.96 -10.51
CA VAL B 47 -20.26 25.03 -10.92
C VAL B 47 -20.90 26.21 -10.18
N ASP B 48 -21.32 27.24 -10.92
CA ASP B 48 -21.75 28.50 -10.34
C ASP B 48 -23.14 28.90 -10.87
N THR B 49 -24.18 28.75 -10.04
CA THR B 49 -25.46 29.24 -10.50
C THR B 49 -25.63 30.73 -10.24
N GLY B 50 -24.65 31.39 -9.65
CA GLY B 50 -24.73 32.80 -9.41
C GLY B 50 -24.09 33.72 -10.44
N SER B 51 -23.59 33.20 -11.56
CA SER B 51 -23.00 34.07 -12.58
C SER B 51 -23.23 33.42 -13.93
N SER B 52 -22.77 34.09 -15.01
CA SER B 52 -23.10 33.60 -16.34
C SER B 52 -21.91 33.54 -17.29
N ASN B 53 -20.69 33.62 -16.79
CA ASN B 53 -19.50 33.52 -17.63
C ASN B 53 -18.82 32.17 -17.47
N PHE B 54 -18.47 31.58 -18.60
CA PHE B 54 -17.61 30.40 -18.61
C PHE B 54 -16.17 30.87 -18.80
N ALA B 55 -15.30 30.55 -17.83
CA ALA B 55 -13.93 31.04 -17.82
C ALA B 55 -12.96 30.00 -17.26
N VAL B 56 -11.73 30.02 -17.75
CA VAL B 56 -10.71 29.06 -17.36
C VAL B 56 -9.35 29.77 -17.21
N GLY B 57 -8.56 29.33 -16.25
CA GLY B 57 -7.21 29.83 -16.12
C GLY B 57 -6.51 29.59 -17.43
N ALA B 58 -5.79 30.60 -17.93
CA ALA B 58 -5.18 30.47 -19.26
C ALA B 58 -3.76 31.01 -19.24
N ALA B 59 -3.20 31.17 -18.05
CA ALA B 59 -1.90 31.77 -17.83
C ALA B 59 -1.40 31.20 -16.52
N PRO B 60 -0.09 31.07 -16.34
CA PRO B 60 0.44 30.50 -15.10
C PRO B 60 -0.11 31.23 -13.88
N HIS B 61 -0.26 30.49 -12.79
CA HIS B 61 -0.72 31.12 -11.57
C HIS B 61 -0.24 30.28 -10.40
N PRO B 62 0.19 30.91 -9.29
CA PRO B 62 0.69 30.13 -8.14
C PRO B 62 -0.25 29.04 -7.69
N PHE B 63 -1.55 29.25 -7.82
CA PHE B 63 -2.53 28.31 -7.29
C PHE B 63 -3.10 27.39 -8.37
N LEU B 64 -2.61 27.48 -9.60
CA LEU B 64 -3.10 26.66 -10.70
C LEU B 64 -2.11 25.54 -11.03
N HIS B 65 -2.62 24.29 -11.06
CA HIS B 65 -1.86 23.11 -11.43
C HIS B 65 -1.79 22.92 -12.94
N ARG B 66 -2.72 23.52 -13.67
CA ARG B 66 -2.81 23.41 -15.12
C ARG B 66 -3.73 24.52 -15.61
N TYR B 67 -3.67 24.81 -16.91
CA TYR B 67 -4.46 25.90 -17.44
C TYR B 67 -4.69 25.71 -18.93
N TYR B 68 -5.71 26.40 -19.43
CA TYR B 68 -6.09 26.32 -20.84
C TYR B 68 -4.99 26.92 -21.71
N GLN B 69 -4.47 26.14 -22.66
CA GLN B 69 -3.43 26.59 -23.57
C GLN B 69 -4.04 26.74 -24.98
N ARG B 70 -4.47 27.96 -25.28
CA ARG B 70 -5.15 28.21 -26.55
C ARG B 70 -4.33 27.79 -27.75
N GLN B 71 -3.01 28.01 -27.69
CA GLN B 71 -2.11 27.68 -28.78
C GLN B 71 -2.06 26.20 -29.11
N LEU B 72 -2.59 25.32 -28.25
CA LEU B 72 -2.60 23.88 -28.51
C LEU B 72 -3.92 23.36 -29.03
N SER B 73 -4.94 24.22 -29.16
CA SER B 73 -6.27 23.82 -29.61
C SER B 73 -6.52 24.29 -31.03
N SER B 74 -6.71 23.33 -31.96
CA SER B 74 -6.97 23.65 -33.36
C SER B 74 -8.33 24.31 -33.59
N THR B 75 -9.30 24.12 -32.70
CA THR B 75 -10.63 24.71 -32.88
C THR B 75 -10.81 26.03 -32.12
N TYR B 76 -9.75 26.54 -31.50
CA TYR B 76 -9.86 27.81 -30.81
C TYR B 76 -10.02 28.95 -31.80
N ARG B 77 -10.85 29.93 -31.43
CA ARG B 77 -11.08 31.11 -32.26
C ARG B 77 -11.07 32.31 -31.31
N ASP B 78 -10.09 33.20 -31.50
CA ASP B 78 -10.01 34.42 -30.70
C ASP B 78 -11.12 35.38 -31.13
N LEU B 79 -11.69 36.10 -30.17
CA LEU B 79 -12.72 37.08 -30.45
C LEU B 79 -12.19 38.52 -30.43
N ARG B 80 -10.89 38.71 -30.18
CA ARG B 80 -10.28 40.03 -30.07
C ARG B 80 -11.14 40.98 -29.28
N LYS B 81 -11.51 40.54 -28.08
CA LYS B 81 -12.31 41.32 -27.17
C LYS B 81 -11.93 40.89 -25.76
N GLY B 82 -11.66 41.88 -24.92
CA GLY B 82 -11.36 41.61 -23.53
C GLY B 82 -12.64 41.49 -22.74
N VAL B 83 -12.48 41.10 -21.48
CA VAL B 83 -13.61 40.88 -20.59
C VAL B 83 -13.12 41.01 -19.17
N TYR B 84 -14.01 41.47 -18.30
CA TYR B 84 -13.69 41.56 -16.88
C TYR B 84 -14.94 41.20 -16.10
N VAL B 85 -14.75 40.46 -15.01
CA VAL B 85 -15.86 40.02 -14.16
C VAL B 85 -15.53 40.32 -12.71
N PRO B 86 -16.29 41.16 -12.04
CA PRO B 86 -16.08 41.33 -10.59
C PRO B 86 -17.17 40.65 -9.79
N TYR B 87 -16.81 39.63 -9.02
CA TYR B 87 -17.80 38.96 -8.20
C TYR B 87 -17.97 39.75 -6.89
N THR B 88 -18.80 39.21 -5.99
CA THR B 88 -18.94 39.78 -4.65
C THR B 88 -17.58 39.86 -3.97
N GLN B 89 -16.75 38.83 -4.15
CA GLN B 89 -15.35 38.77 -3.73
C GLN B 89 -14.61 38.00 -4.81
N GLY B 90 -13.49 38.53 -5.26
CA GLY B 90 -12.74 37.96 -6.37
C GLY B 90 -13.10 38.62 -7.69
N LYS B 91 -12.15 38.60 -8.62
CA LYS B 91 -12.32 39.19 -9.94
C LYS B 91 -11.24 38.66 -10.87
N TRP B 92 -11.50 38.78 -12.17
CA TRP B 92 -10.53 38.38 -13.17
C TRP B 92 -10.80 39.15 -14.45
N GLU B 93 -9.82 39.12 -15.34
CA GLU B 93 -9.89 39.72 -16.67
C GLU B 93 -9.25 38.73 -17.63
N GLY B 94 -9.59 38.84 -18.90
CA GLY B 94 -8.98 37.95 -19.86
C GLY B 94 -9.43 38.26 -21.27
N GLU B 95 -9.22 37.29 -22.16
CA GLU B 95 -9.47 37.43 -23.59
C GLU B 95 -10.62 36.50 -23.94
N LEU B 96 -11.58 37.02 -24.71
CA LEU B 96 -12.73 36.24 -25.12
C LEU B 96 -12.41 35.37 -26.32
N GLY B 97 -13.06 34.23 -26.39
CA GLY B 97 -12.86 33.32 -27.50
C GLY B 97 -13.88 32.19 -27.44
N THR B 98 -13.82 31.34 -28.46
CA THR B 98 -14.69 30.18 -28.51
C THR B 98 -13.87 28.94 -28.79
N ASP B 99 -14.44 27.79 -28.40
CA ASP B 99 -13.80 26.49 -28.61
C ASP B 99 -14.85 25.43 -28.34
N LEU B 100 -14.51 24.20 -28.71
CA LEU B 100 -15.38 23.06 -28.49
C LEU B 100 -15.21 22.60 -27.05
N VAL B 101 -16.33 22.34 -26.38
CA VAL B 101 -16.35 22.00 -24.97
C VAL B 101 -17.17 20.72 -24.81
N SER B 102 -16.79 19.89 -23.84
CA SER B 102 -17.52 18.66 -23.52
C SER B 102 -17.49 18.42 -22.02
N ILE B 103 -18.46 17.62 -21.57
CA ILE B 103 -18.55 17.20 -20.19
C ILE B 103 -18.48 15.68 -20.15
N PRO B 104 -17.31 15.12 -19.80
CA PRO B 104 -17.14 13.65 -19.80
C PRO B 104 -18.22 12.91 -19.01
N HIS B 105 -18.47 13.31 -17.76
CA HIS B 105 -19.52 12.70 -16.94
C HIS B 105 -20.81 13.51 -17.05
N GLY B 106 -21.19 13.79 -18.29
CA GLY B 106 -22.38 14.55 -18.58
C GLY B 106 -23.09 13.96 -19.77
N PRO B 107 -23.92 14.76 -20.43
CA PRO B 107 -24.52 14.30 -21.68
C PRO B 107 -23.42 14.05 -22.70
N ASN B 108 -23.68 13.13 -23.61
CA ASN B 108 -22.64 12.69 -24.53
C ASN B 108 -22.66 13.57 -25.78
N VAL B 109 -22.24 14.82 -25.61
CA VAL B 109 -22.33 15.81 -26.68
C VAL B 109 -21.17 16.81 -26.62
N THR B 110 -21.03 17.62 -27.68
CA THR B 110 -19.97 18.61 -27.82
C THR B 110 -20.55 19.89 -28.42
N VAL B 111 -20.22 21.04 -27.82
CA VAL B 111 -20.78 22.33 -28.24
C VAL B 111 -19.67 23.36 -28.39
N ARG B 112 -19.88 24.32 -29.28
CA ARG B 112 -19.00 25.46 -29.35
C ARG B 112 -19.51 26.52 -28.38
N ALA B 113 -18.66 26.93 -27.45
CA ALA B 113 -19.07 27.82 -26.38
C ALA B 113 -18.14 29.03 -26.31
N ASN B 114 -18.66 30.07 -25.69
CA ASN B 114 -17.81 31.20 -25.34
C ASN B 114 -16.93 30.83 -24.17
N ILE B 115 -15.66 31.17 -24.27
CA ILE B 115 -14.70 30.88 -23.22
C ILE B 115 -13.91 32.16 -22.96
N ALA B 116 -13.88 32.59 -21.71
CA ALA B 116 -13.06 33.71 -21.30
C ALA B 116 -11.76 33.15 -20.73
N ALA B 117 -10.65 33.41 -21.43
CA ALA B 117 -9.32 32.98 -21.01
C ALA B 117 -8.78 33.93 -19.95
N ILE B 118 -8.71 33.45 -18.71
CA ILE B 118 -8.26 34.29 -17.60
C ILE B 118 -6.74 34.51 -17.69
N THR B 119 -6.35 35.77 -17.84
CA THR B 119 -4.94 36.13 -17.87
C THR B 119 -4.45 36.81 -16.59
N GLU B 120 -5.35 37.35 -15.77
CA GLU B 120 -4.95 37.90 -14.48
C GLU B 120 -6.15 37.81 -13.55
N SER B 121 -5.86 37.65 -12.26
CA SER B 121 -6.95 37.52 -11.30
C SER B 121 -6.52 38.02 -9.92
N ASP B 122 -7.52 38.26 -9.08
CA ASP B 122 -7.33 38.77 -7.73
C ASP B 122 -8.32 38.06 -6.81
N LYS B 123 -7.79 37.28 -5.86
CA LYS B 123 -8.58 36.58 -4.84
C LYS B 123 -9.70 35.74 -5.45
N PHE B 124 -9.41 35.12 -6.58
CA PHE B 124 -10.36 34.25 -7.26
C PHE B 124 -9.95 32.80 -7.11
N PHE B 125 -8.81 32.40 -7.70
CA PHE B 125 -8.31 31.04 -7.56
C PHE B 125 -7.86 30.78 -6.12
N ILE B 126 -8.13 29.58 -5.63
CA ILE B 126 -7.86 29.20 -4.24
C ILE B 126 -6.69 28.23 -4.21
N ASN B 127 -5.77 28.46 -3.29
CA ASN B 127 -4.57 27.64 -3.19
C ASN B 127 -4.91 26.17 -2.91
N GLY B 128 -4.54 25.30 -3.85
CA GLY B 128 -4.81 23.88 -3.77
C GLY B 128 -6.29 23.56 -3.73
N SER B 129 -7.04 23.96 -4.77
CA SER B 129 -8.48 23.73 -4.76
C SER B 129 -8.89 22.67 -5.75
N ASN B 130 -8.07 22.40 -6.76
CA ASN B 130 -8.21 21.39 -7.78
C ASN B 130 -9.12 21.84 -8.92
N TRP B 131 -9.71 23.05 -8.88
CA TRP B 131 -10.43 23.56 -10.04
C TRP B 131 -9.69 24.75 -10.64
N GLU B 132 -9.83 24.90 -11.95
CA GLU B 132 -9.06 25.84 -12.73
C GLU B 132 -9.92 26.80 -13.56
N GLY B 133 -11.23 26.78 -13.36
CA GLY B 133 -12.10 27.60 -14.16
C GLY B 133 -13.47 27.65 -13.52
N ILE B 134 -14.39 28.36 -14.18
CA ILE B 134 -15.73 28.59 -13.64
C ILE B 134 -16.77 28.46 -14.75
N LEU B 135 -17.89 27.81 -14.42
CA LEU B 135 -19.04 27.58 -15.30
C LEU B 135 -20.24 28.34 -14.73
N GLY B 136 -20.52 29.53 -15.28
CA GLY B 136 -21.69 30.30 -14.87
C GLY B 136 -22.99 29.81 -15.52
N LEU B 137 -23.94 29.34 -14.71
CA LEU B 137 -25.17 28.75 -15.24
C LEU B 137 -26.37 29.68 -15.21
N ALA B 138 -26.18 30.95 -14.84
CA ALA B 138 -27.28 31.91 -14.80
C ALA B 138 -27.50 32.52 -16.18
N TYR B 139 -28.38 33.52 -16.29
CA TYR B 139 -28.83 33.95 -17.61
C TYR B 139 -27.94 35.02 -18.24
N ALA B 140 -28.12 35.23 -19.56
CA ALA B 140 -27.24 36.12 -20.30
C ALA B 140 -27.23 37.53 -19.72
N GLU B 141 -28.35 37.96 -19.16
CA GLU B 141 -28.50 39.34 -18.69
C GLU B 141 -27.33 39.82 -17.83
N ILE B 142 -26.68 38.93 -17.08
CA ILE B 142 -25.60 39.32 -16.19
C ILE B 142 -24.24 38.85 -16.72
N ALA B 143 -24.18 38.39 -17.95
CA ALA B 143 -22.91 38.04 -18.52
C ALA B 143 -22.03 39.28 -18.71
N ARG B 144 -20.72 39.11 -18.58
CA ARG B 144 -19.80 40.18 -18.94
C ARG B 144 -19.13 39.83 -20.27
N PRO B 145 -18.89 40.81 -21.13
CA PRO B 145 -19.15 42.25 -20.95
C PRO B 145 -20.61 42.70 -21.08
N ASP B 146 -21.47 41.95 -21.75
CA ASP B 146 -22.87 42.33 -21.88
C ASP B 146 -23.65 41.09 -22.29
N ASP B 147 -25.01 41.24 -22.37
CA ASP B 147 -25.88 40.08 -22.60
C ASP B 147 -25.79 39.52 -23.99
N SER B 148 -24.85 39.95 -24.83
CA SER B 148 -24.66 39.30 -26.12
C SER B 148 -23.67 38.15 -26.06
N LEU B 149 -22.99 37.96 -24.92
CA LEU B 149 -22.10 36.82 -24.75
C LEU B 149 -22.97 35.68 -24.21
N GLU B 150 -23.50 34.86 -25.13
CA GLU B 150 -24.38 33.73 -24.82
C GLU B 150 -23.74 32.78 -23.79
N PRO B 151 -24.40 32.52 -22.65
CA PRO B 151 -23.82 31.62 -21.65
C PRO B 151 -23.76 30.17 -22.11
N PHE B 152 -22.90 29.40 -21.43
CA PHE B 152 -22.70 28.00 -21.81
C PHE B 152 -24.02 27.23 -21.94
N PHE B 153 -24.87 27.26 -20.90
CA PHE B 153 -26.06 26.42 -20.95
C PHE B 153 -26.98 26.82 -22.10
N ASP B 154 -27.01 28.10 -22.45
CA ASP B 154 -27.75 28.49 -23.64
C ASP B 154 -27.17 27.85 -24.90
N SER B 155 -25.84 27.85 -25.04
CA SER B 155 -25.21 27.21 -26.19
C SER B 155 -25.55 25.73 -26.23
N LEU B 156 -25.45 25.07 -25.07
CA LEU B 156 -25.72 23.64 -24.98
C LEU B 156 -27.14 23.31 -25.44
N VAL B 157 -28.14 23.98 -24.87
CA VAL B 157 -29.54 23.72 -25.20
C VAL B 157 -29.82 24.02 -26.67
N LYS B 158 -29.22 25.08 -27.20
CA LYS B 158 -29.51 25.48 -28.58
C LYS B 158 -28.80 24.60 -29.60
N GLN B 159 -27.68 23.99 -29.23
CA GLN B 159 -26.90 23.19 -30.17
C GLN B 159 -27.16 21.70 -30.04
N THR B 160 -27.81 21.25 -28.98
CA THR B 160 -28.08 19.83 -28.79
C THR B 160 -29.55 19.59 -28.52
N HIS B 161 -29.90 18.35 -28.21
CA HIS B 161 -31.26 17.98 -27.83
C HIS B 161 -31.44 17.94 -26.32
N VAL B 162 -30.47 18.46 -25.56
CA VAL B 162 -30.57 18.47 -24.09
C VAL B 162 -31.75 19.33 -23.66
N PRO B 163 -32.64 18.84 -22.80
CA PRO B 163 -33.73 19.69 -22.31
C PRO B 163 -33.20 20.87 -21.50
N ASN B 164 -33.98 21.93 -21.49
CA ASN B 164 -33.60 23.22 -20.90
C ASN B 164 -33.83 23.20 -19.39
N LEU B 165 -33.04 22.38 -18.71
CA LEU B 165 -33.02 22.35 -17.25
C LEU B 165 -31.83 21.51 -16.79
N PHE B 166 -31.44 21.75 -15.55
CA PHE B 166 -30.41 20.95 -14.89
C PHE B 166 -30.78 20.93 -13.42
N SER B 167 -30.19 20.00 -12.67
CA SER B 167 -30.46 19.87 -11.24
C SER B 167 -29.14 19.63 -10.51
N LEU B 168 -29.06 20.14 -9.29
CA LEU B 168 -27.86 20.04 -8.46
C LEU B 168 -28.18 19.37 -7.13
N GLN B 169 -27.38 18.35 -6.78
CA GLN B 169 -27.38 17.72 -5.46
C GLN B 169 -26.00 17.97 -4.88
N LEU B 170 -25.87 19.00 -4.04
CA LEU B 170 -24.59 19.31 -3.39
C LEU B 170 -24.58 18.67 -2.00
N CYS B 171 -23.57 17.84 -1.71
CA CYS B 171 -23.47 17.14 -0.43
C CYS B 171 -22.40 17.76 0.46
N GLY B 172 -22.71 17.83 1.76
CA GLY B 172 -21.80 18.31 2.79
C GLY B 172 -20.89 17.23 3.36
N ALA B 173 -20.51 17.42 4.62
CA ALA B 173 -19.71 16.42 5.34
C ALA B 173 -20.59 15.31 5.93
N SER B 185 -13.06 15.23 -0.13
CA SER B 185 -13.61 15.80 1.09
C SER B 185 -15.12 16.07 0.99
N VAL B 186 -15.60 16.46 -0.19
CA VAL B 186 -17.04 16.67 -0.40
C VAL B 186 -17.37 16.34 -1.86
N GLY B 187 -18.62 15.89 -2.11
CA GLY B 187 -19.04 15.50 -3.45
C GLY B 187 -20.47 15.91 -3.78
N GLY B 188 -20.93 15.50 -4.96
CA GLY B 188 -22.29 15.81 -5.37
C GLY B 188 -22.60 15.38 -6.80
N SER B 189 -23.80 15.74 -7.27
CA SER B 189 -24.25 15.42 -8.62
C SER B 189 -24.79 16.67 -9.33
N MET B 190 -24.47 16.79 -10.61
CA MET B 190 -25.10 17.76 -11.49
C MET B 190 -25.72 16.99 -12.65
N ILE B 191 -27.03 16.86 -12.63
CA ILE B 191 -27.79 16.21 -13.68
C ILE B 191 -28.10 17.26 -14.74
N ILE B 192 -27.43 17.17 -15.89
CA ILE B 192 -27.66 18.08 -17.00
C ILE B 192 -28.76 17.49 -17.88
N GLY B 193 -29.90 18.18 -17.96
CA GLY B 193 -30.97 17.79 -18.84
C GLY B 193 -32.16 17.12 -18.19
N GLY B 194 -32.21 16.99 -16.87
CA GLY B 194 -33.34 16.32 -16.28
C GLY B 194 -33.20 16.10 -14.78
N ILE B 195 -34.08 15.22 -14.27
CA ILE B 195 -34.23 14.95 -12.85
C ILE B 195 -33.97 13.46 -12.61
N ASP B 196 -33.13 13.16 -11.62
CA ASP B 196 -32.83 11.79 -11.23
C ASP B 196 -33.48 11.51 -9.87
N HIS B 197 -34.45 10.60 -9.86
CA HIS B 197 -35.21 10.33 -8.63
C HIS B 197 -34.38 9.67 -7.51
N SER B 198 -33.21 9.13 -7.79
CA SER B 198 -32.45 8.56 -6.69
C SER B 198 -31.72 9.62 -5.88
N LEU B 199 -31.76 10.88 -6.29
CA LEU B 199 -31.04 11.93 -5.59
C LEU B 199 -31.88 12.66 -4.54
N TYR B 200 -33.16 12.29 -4.38
CA TYR B 200 -33.98 12.97 -3.39
C TYR B 200 -35.07 12.03 -2.88
N THR B 201 -35.66 12.42 -1.76
CA THR B 201 -36.82 11.77 -1.17
C THR B 201 -37.94 12.79 -1.08
N GLY B 202 -39.18 12.28 -0.93
CA GLY B 202 -40.36 13.10 -0.82
C GLY B 202 -40.70 13.79 -2.13
N SER B 203 -41.46 14.88 -2.01
CA SER B 203 -41.98 15.61 -3.15
C SER B 203 -41.10 16.80 -3.51
N LEU B 204 -41.13 17.15 -4.79
CA LEU B 204 -40.49 18.37 -5.26
C LEU B 204 -41.48 19.53 -5.13
N TRP B 205 -41.06 20.61 -4.47
CA TRP B 205 -41.86 21.84 -4.34
C TRP B 205 -41.20 22.95 -5.15
N TYR B 206 -42.00 23.69 -5.91
CA TYR B 206 -41.46 24.67 -6.85
C TYR B 206 -41.82 26.10 -6.48
N THR B 207 -40.84 26.99 -6.68
CA THR B 207 -41.03 28.42 -6.57
C THR B 207 -40.66 29.07 -7.90
N PRO B 208 -41.40 30.07 -8.36
CA PRO B 208 -41.09 30.64 -9.69
C PRO B 208 -39.80 31.43 -9.70
N ILE B 209 -39.16 31.42 -10.87
CA ILE B 209 -38.03 32.29 -11.15
C ILE B 209 -38.60 33.67 -11.46
N ARG B 210 -38.41 34.62 -10.55
CA ARG B 210 -39.04 35.94 -10.71
C ARG B 210 -38.59 36.63 -11.99
N ARG B 211 -37.31 36.53 -12.33
CA ARG B 211 -36.75 37.21 -13.46
C ARG B 211 -35.53 36.44 -13.91
N GLU B 212 -35.31 36.37 -15.21
CA GLU B 212 -34.20 35.57 -15.71
C GLU B 212 -32.96 36.43 -15.81
N TRP B 213 -32.26 36.56 -14.70
CA TRP B 213 -30.92 37.13 -14.70
C TRP B 213 -30.06 36.31 -13.76
N TYR B 214 -30.17 36.54 -12.45
CA TYR B 214 -29.78 35.49 -11.52
C TYR B 214 -30.95 34.51 -11.45
N TYR B 215 -30.77 33.42 -10.71
CA TYR B 215 -31.91 32.57 -10.39
C TYR B 215 -32.60 33.23 -9.20
N GLU B 216 -33.39 34.26 -9.49
CA GLU B 216 -34.05 35.08 -8.48
C GLU B 216 -35.39 34.46 -8.07
N VAL B 217 -35.61 34.38 -6.76
CA VAL B 217 -36.80 33.81 -6.15
C VAL B 217 -37.32 34.81 -5.13
N ILE B 218 -38.50 34.53 -4.60
CA ILE B 218 -39.14 35.40 -3.62
C ILE B 218 -39.38 34.64 -2.31
N ILE B 219 -38.77 35.14 -1.23
CA ILE B 219 -38.99 34.60 0.11
C ILE B 219 -40.17 35.37 0.73
N VAL B 220 -41.17 34.64 1.25
CA VAL B 220 -42.37 35.31 1.77
C VAL B 220 -42.48 35.27 3.29
N ARG B 221 -41.64 34.53 3.99
CA ARG B 221 -41.74 34.43 5.45
C ARG B 221 -40.49 33.75 5.95
N VAL B 222 -40.05 34.12 7.15
CA VAL B 222 -38.85 33.56 7.76
C VAL B 222 -39.11 33.22 9.24
N GLU B 223 -38.73 32.02 9.65
CA GLU B 223 -38.86 31.57 11.02
C GLU B 223 -37.52 31.05 11.53
N ILE B 224 -37.22 31.38 12.78
CA ILE B 224 -36.05 30.89 13.51
C ILE B 224 -36.52 30.41 14.87
N ASN B 225 -36.13 29.19 15.25
CA ASN B 225 -36.62 28.53 16.45
C ASN B 225 -38.15 28.49 16.46
N GLY B 226 -38.74 28.32 15.28
CA GLY B 226 -40.18 28.25 15.14
C GLY B 226 -40.89 29.58 15.28
N GLN B 227 -40.17 30.66 15.52
CA GLN B 227 -40.76 31.96 15.76
C GLN B 227 -40.51 32.91 14.60
N ASP B 228 -41.59 33.47 14.08
CA ASP B 228 -41.53 34.37 12.95
C ASP B 228 -40.72 35.63 13.27
N LEU B 229 -39.88 36.06 12.33
CA LEU B 229 -39.12 37.29 12.52
C LEU B 229 -39.99 38.54 12.51
N LYS B 230 -41.27 38.43 12.12
CA LYS B 230 -42.23 39.53 12.19
C LYS B 230 -41.66 40.81 11.57
N MET B 231 -41.19 40.66 10.34
CA MET B 231 -40.59 41.75 9.58
C MET B 231 -41.34 41.88 8.26
N ASP B 232 -41.34 43.08 7.70
CA ASP B 232 -41.88 43.30 6.35
C ASP B 232 -41.18 42.37 5.34
N CYS B 233 -41.94 41.49 4.70
CA CYS B 233 -41.32 40.50 3.82
C CYS B 233 -40.53 41.12 2.65
N LYS B 234 -40.69 42.42 2.37
CA LYS B 234 -39.82 43.07 1.40
C LYS B 234 -38.37 43.09 1.89
N GLU B 235 -38.17 43.14 3.20
CA GLU B 235 -36.82 43.15 3.78
C GLU B 235 -36.06 41.88 3.40
N TYR B 236 -36.77 40.76 3.25
CA TYR B 236 -36.10 39.49 2.95
C TYR B 236 -35.52 39.46 1.53
N ASN B 237 -36.02 40.29 0.62
CA ASN B 237 -35.62 40.26 -0.77
C ASN B 237 -35.06 41.60 -1.19
N TYR B 238 -34.44 42.30 -0.26
CA TYR B 238 -33.87 43.60 -0.52
C TYR B 238 -32.39 43.39 -0.75
N ASP B 239 -31.93 43.63 -1.97
CA ASP B 239 -32.75 44.09 -3.10
C ASP B 239 -33.15 42.96 -4.10
N LYS B 240 -32.86 41.71 -3.75
CA LYS B 240 -33.18 40.51 -4.50
C LYS B 240 -32.73 39.32 -3.67
N SER B 241 -33.32 38.17 -3.95
CA SER B 241 -32.91 36.89 -3.37
C SER B 241 -32.52 35.97 -4.52
N ILE B 242 -31.39 35.27 -4.38
CA ILE B 242 -30.95 34.39 -5.44
C ILE B 242 -30.49 33.07 -4.83
N VAL B 243 -30.52 32.03 -5.67
CA VAL B 243 -30.01 30.69 -5.35
C VAL B 243 -28.67 30.55 -6.06
N ASP B 244 -27.60 30.43 -5.30
CA ASP B 244 -26.23 30.68 -5.79
C ASP B 244 -25.27 29.61 -5.28
N SER B 245 -24.91 28.64 -6.14
CA SER B 245 -23.97 27.58 -5.73
C SER B 245 -22.52 28.06 -5.64
N GLY B 246 -22.21 29.21 -6.22
CA GLY B 246 -20.92 29.83 -6.17
C GLY B 246 -20.67 30.67 -4.93
N THR B 247 -21.67 30.80 -4.06
CA THR B 247 -21.50 31.47 -2.78
C THR B 247 -21.62 30.44 -1.65
N THR B 248 -20.65 30.42 -0.76
CA THR B 248 -20.64 29.45 0.34
C THR B 248 -21.82 29.68 1.30
N ASN B 249 -21.93 30.89 1.85
CA ASN B 249 -22.81 31.16 2.98
C ASN B 249 -24.26 31.38 2.58
N LEU B 250 -25.10 31.41 3.61
CA LEU B 250 -26.39 32.08 3.55
C LEU B 250 -26.12 33.56 3.85
N ARG B 251 -26.30 34.40 2.85
CA ARG B 251 -26.03 35.83 2.98
C ARG B 251 -27.36 36.56 3.08
N LEU B 252 -27.53 37.34 4.15
CA LEU B 252 -28.74 38.06 4.52
C LEU B 252 -28.53 39.57 4.52
N PRO B 253 -29.48 40.32 3.99
CA PRO B 253 -29.40 41.79 4.09
C PRO B 253 -29.37 42.26 5.54
N LYS B 254 -28.75 43.42 5.76
CA LYS B 254 -28.43 43.96 7.09
C LYS B 254 -29.51 43.71 8.16
N LYS B 255 -30.69 44.28 7.94
CA LYS B 255 -31.74 44.20 8.96
C LYS B 255 -32.18 42.76 9.20
N VAL B 256 -32.20 41.94 8.14
CA VAL B 256 -32.54 40.52 8.32
C VAL B 256 -31.40 39.80 9.05
N PHE B 257 -30.15 40.12 8.70
CA PHE B 257 -29.02 39.46 9.35
C PHE B 257 -29.00 39.68 10.85
N GLU B 258 -29.22 40.92 11.27
CA GLU B 258 -29.16 41.22 12.70
C GLU B 258 -30.25 40.48 13.46
N ALA B 259 -31.47 40.46 12.91
CA ALA B 259 -32.55 39.74 13.57
C ALA B 259 -32.24 38.26 13.66
N ALA B 260 -31.62 37.70 12.61
CA ALA B 260 -31.28 36.27 12.65
C ALA B 260 -30.24 35.99 13.73
N VAL B 261 -29.20 36.82 13.82
CA VAL B 261 -28.15 36.61 14.81
C VAL B 261 -28.72 36.72 16.22
N LYS B 262 -29.55 37.75 16.45
CA LYS B 262 -30.21 37.92 17.74
C LYS B 262 -31.03 36.68 18.12
N SER B 263 -31.75 36.10 17.16
CA SER B 263 -32.53 34.90 17.46
C SER B 263 -31.64 33.69 17.74
N ILE B 264 -30.60 33.50 16.93
CA ILE B 264 -29.70 32.36 17.11
C ILE B 264 -28.87 32.50 18.39
N LYS B 265 -28.49 33.74 18.76
CA LYS B 265 -27.78 33.93 20.02
C LYS B 265 -28.65 33.55 21.22
N ALA B 266 -29.93 33.93 21.20
CA ALA B 266 -30.82 33.63 22.31
C ALA B 266 -31.07 32.13 22.43
N ALA B 267 -31.31 31.44 21.31
CA ALA B 267 -31.56 30.00 21.35
C ALA B 267 -30.33 29.25 21.85
N SER B 268 -29.14 29.80 21.65
CA SER B 268 -27.89 29.17 22.05
C SER B 268 -27.25 29.87 23.25
N SER B 269 -28.06 30.59 24.04
CA SER B 269 -27.56 31.31 25.19
C SER B 269 -26.83 30.41 26.19
N THR B 270 -27.12 29.10 26.16
CA THR B 270 -26.44 28.16 27.05
C THR B 270 -24.92 28.35 27.00
N GLU B 271 -24.37 28.56 25.81
CA GLU B 271 -22.95 28.82 25.64
C GLU B 271 -22.74 30.22 25.09
N LYS B 272 -21.53 30.73 25.27
CA LYS B 272 -21.16 32.06 24.82
C LYS B 272 -19.97 31.95 23.87
N PHE B 273 -20.01 32.73 22.79
CA PHE B 273 -19.00 32.72 21.76
C PHE B 273 -18.54 34.14 21.47
N PRO B 274 -17.26 34.32 21.10
CA PRO B 274 -16.75 35.66 20.79
C PRO B 274 -17.45 36.26 19.58
N ASP B 275 -17.55 37.60 19.56
CA ASP B 275 -18.17 38.28 18.44
C ASP B 275 -17.50 37.96 17.11
N GLY B 276 -16.21 37.57 17.13
CA GLY B 276 -15.56 37.10 15.92
C GLY B 276 -16.15 35.81 15.38
N PHE B 277 -16.89 35.08 16.21
CA PHE B 277 -17.60 33.91 15.71
C PHE B 277 -18.81 34.34 14.89
N TRP B 278 -19.63 35.22 15.45
CA TRP B 278 -20.81 35.72 14.76
C TRP B 278 -20.46 36.57 13.54
N LEU B 279 -19.19 36.87 13.33
CA LEU B 279 -18.72 37.57 12.14
C LEU B 279 -18.11 36.63 11.11
N GLY B 280 -18.15 35.31 11.37
CA GLY B 280 -17.62 34.32 10.44
C GLY B 280 -16.11 34.20 10.40
N GLU B 281 -15.41 34.66 11.44
CA GLU B 281 -13.96 34.64 11.56
C GLU B 281 -13.45 33.61 12.54
N GLN B 282 -14.09 33.52 13.72
CA GLN B 282 -13.69 32.57 14.74
C GLN B 282 -14.34 31.21 14.48
N LEU B 283 -13.60 30.15 14.77
CA LEU B 283 -14.10 28.78 14.68
C LEU B 283 -14.27 28.20 16.09
N VAL B 284 -15.50 28.21 16.60
CA VAL B 284 -15.79 27.58 17.89
C VAL B 284 -15.58 26.07 17.80
N CYS B 285 -15.08 25.47 18.88
CA CYS B 285 -14.75 24.05 18.91
C CYS B 285 -15.43 23.31 20.07
N TRP B 286 -15.44 21.99 19.93
CA TRP B 286 -15.95 21.05 20.92
C TRP B 286 -15.24 19.71 20.74
N GLN B 287 -15.31 18.87 21.78
CA GLN B 287 -14.73 17.54 21.69
C GLN B 287 -15.35 16.72 20.57
N ALA B 288 -14.55 15.85 19.98
CA ALA B 288 -14.95 15.09 18.79
C ALA B 288 -16.21 14.29 19.03
N GLY B 289 -17.35 14.81 18.59
CA GLY B 289 -18.63 14.14 18.71
C GLY B 289 -19.54 14.66 19.81
N THR B 290 -19.15 15.75 20.49
CA THR B 290 -19.91 16.31 21.60
C THR B 290 -20.61 17.62 21.23
N THR B 291 -20.58 17.98 19.95
CA THR B 291 -21.14 19.21 19.39
C THR B 291 -22.57 19.44 19.85
N PRO B 292 -22.86 20.54 20.52
CA PRO B 292 -24.21 20.79 21.07
C PRO B 292 -25.19 21.30 20.02
N TRP B 293 -25.47 20.44 19.04
CA TRP B 293 -26.39 20.76 17.95
C TRP B 293 -27.73 21.27 18.46
N ASN B 294 -28.23 20.67 19.53
CA ASN B 294 -29.59 20.96 20.00
C ASN B 294 -29.75 22.40 20.44
N ILE B 295 -28.67 23.12 20.74
CA ILE B 295 -28.84 24.50 21.23
C ILE B 295 -29.01 25.50 20.11
N PHE B 296 -28.71 25.13 18.86
CA PHE B 296 -28.92 26.03 17.72
C PHE B 296 -30.24 25.76 17.04
N PRO B 297 -31.00 26.80 16.72
CA PRO B 297 -32.35 26.61 16.16
C PRO B 297 -32.34 26.29 14.67
N VAL B 298 -33.49 25.86 14.20
CA VAL B 298 -33.70 25.65 12.78
C VAL B 298 -34.26 26.93 12.16
N ILE B 299 -33.89 27.19 10.91
CA ILE B 299 -34.34 28.34 10.14
C ILE B 299 -35.24 27.83 9.04
N SER B 300 -36.48 28.32 9.00
CA SER B 300 -37.40 27.95 7.94
C SER B 300 -37.56 29.11 6.97
N LEU B 301 -37.19 28.91 5.71
CA LEU B 301 -37.40 29.89 4.66
C LEU B 301 -38.65 29.49 3.87
N TYR B 302 -39.67 30.35 3.91
CA TYR B 302 -40.87 30.15 3.12
C TYR B 302 -40.71 30.84 1.77
N LEU B 303 -40.99 30.09 0.71
CA LEU B 303 -40.87 30.56 -0.67
C LEU B 303 -42.24 30.62 -1.34
N MET B 304 -42.40 31.58 -2.26
CA MET B 304 -43.63 31.67 -3.05
C MET B 304 -43.90 30.37 -3.82
N GLY B 305 -45.15 29.91 -3.79
CA GLY B 305 -45.55 28.70 -4.49
C GLY B 305 -46.08 28.93 -5.90
N GLU B 306 -46.62 27.84 -6.47
CA GLU B 306 -47.16 27.83 -7.83
C GLU B 306 -48.65 28.17 -7.96
N VAL B 307 -49.46 28.07 -6.91
CA VAL B 307 -50.87 28.42 -6.99
C VAL B 307 -51.17 29.56 -5.99
N THR B 308 -52.34 30.17 -6.16
CA THR B 308 -52.72 31.39 -5.46
C THR B 308 -52.65 31.22 -3.94
N ASN B 309 -51.91 32.14 -3.28
CA ASN B 309 -51.86 32.24 -1.83
C ASN B 309 -51.25 31.02 -1.18
N GLN B 310 -50.42 30.30 -1.94
CA GLN B 310 -49.82 29.07 -1.49
C GLN B 310 -48.29 29.20 -1.48
N SER B 311 -47.69 28.98 -0.31
CA SER B 311 -46.25 28.88 -0.15
C SER B 311 -45.85 27.46 0.24
N PHE B 312 -44.56 27.30 0.51
CA PHE B 312 -43.99 26.10 1.11
C PHE B 312 -42.72 26.58 1.79
N ARG B 313 -42.18 25.75 2.68
CA ARG B 313 -40.97 26.13 3.39
C ARG B 313 -39.89 25.07 3.21
N ILE B 314 -38.63 25.52 3.31
CA ILE B 314 -37.49 24.64 3.43
C ILE B 314 -36.87 24.91 4.79
N THR B 315 -36.53 23.85 5.52
CA THR B 315 -36.02 23.99 6.88
C THR B 315 -34.52 23.71 6.92
N ILE B 316 -33.78 24.63 7.55
CA ILE B 316 -32.33 24.60 7.62
C ILE B 316 -31.92 24.13 9.02
N LEU B 317 -31.04 23.12 9.09
CA LEU B 317 -30.48 22.67 10.36
C LEU B 317 -29.17 23.35 10.65
N PRO B 318 -28.74 23.36 11.93
CA PRO B 318 -27.42 23.93 12.26
C PRO B 318 -26.26 23.21 11.62
N GLN B 319 -26.41 21.93 11.29
CA GLN B 319 -25.36 21.23 10.58
C GLN B 319 -25.11 21.83 9.21
N GLN B 320 -25.98 22.74 8.76
CA GLN B 320 -25.83 23.46 7.51
C GLN B 320 -25.20 24.82 7.68
N TYR B 321 -25.61 25.61 8.68
CA TYR B 321 -25.05 26.95 8.80
C TYR B 321 -23.89 27.03 9.74
N LEU B 322 -23.39 25.89 10.21
CA LEU B 322 -22.10 25.77 10.88
C LEU B 322 -21.21 24.95 9.95
N ARG B 323 -20.45 25.64 9.15
CA ARG B 323 -19.59 24.94 8.19
C ARG B 323 -18.38 24.36 8.91
N PRO B 324 -18.10 23.06 8.74
CA PRO B 324 -16.90 22.48 9.36
C PRO B 324 -15.63 23.08 8.79
N VAL B 325 -14.71 23.42 9.69
CA VAL B 325 -13.41 24.01 9.36
C VAL B 325 -12.31 23.03 9.77
N GLU B 326 -11.15 23.24 9.14
CA GLU B 326 -10.06 22.28 9.06
C GLU B 326 -8.87 22.65 9.93
N ASP B 327 -8.12 21.62 10.39
CA ASP B 327 -6.93 21.80 11.22
C ASP B 327 -6.10 20.52 11.41
N VAL B 328 -5.44 20.01 10.35
CA VAL B 328 -4.55 18.85 10.50
C VAL B 328 -3.19 19.40 10.91
N ALA B 329 -3.19 20.24 11.95
CA ALA B 329 -1.96 20.75 12.53
C ALA B 329 -1.87 20.31 13.99
N THR B 330 -2.68 20.88 14.88
CA THR B 330 -2.68 20.46 16.28
C THR B 330 -4.11 20.55 16.81
N SER B 331 -4.82 19.42 16.79
CA SER B 331 -6.16 19.33 17.35
C SER B 331 -6.74 17.93 17.25
N GLN B 332 -7.65 17.61 18.16
CA GLN B 332 -8.46 16.41 18.12
C GLN B 332 -9.94 16.73 18.29
N ASP B 333 -10.31 18.01 18.23
CA ASP B 333 -11.66 18.49 18.42
C ASP B 333 -12.35 18.89 17.11
N ASP B 334 -13.68 19.03 17.20
CA ASP B 334 -14.54 19.47 16.09
C ASP B 334 -14.73 20.97 16.15
N CYS B 335 -14.45 21.66 15.04
CA CYS B 335 -14.58 23.11 14.98
C CYS B 335 -15.37 23.53 13.75
N TYR B 336 -16.10 24.64 13.88
CA TYR B 336 -16.94 25.14 12.80
C TYR B 336 -16.89 26.67 12.73
N LYS B 337 -17.27 27.20 11.58
CA LYS B 337 -17.42 28.63 11.37
C LYS B 337 -18.89 28.95 11.12
N PHE B 338 -19.34 30.09 11.67
CA PHE B 338 -20.68 30.59 11.41
C PHE B 338 -20.80 30.93 9.92
N ALA B 339 -21.68 30.22 9.20
CA ALA B 339 -21.79 30.39 7.76
C ALA B 339 -23.01 31.21 7.36
N ILE B 340 -23.34 32.23 8.14
CA ILE B 340 -24.36 33.21 7.82
C ILE B 340 -23.69 34.58 7.90
N SER B 341 -23.61 35.29 6.79
CA SER B 341 -22.89 36.55 6.78
C SER B 341 -23.81 37.65 6.29
N GLN B 342 -23.40 38.90 6.57
CA GLN B 342 -24.19 40.06 6.23
C GLN B 342 -23.92 40.50 4.80
N SER B 343 -24.98 40.93 4.12
CA SER B 343 -24.91 41.35 2.73
C SER B 343 -25.55 42.71 2.55
N SER B 344 -25.08 43.45 1.54
CA SER B 344 -25.75 44.67 1.11
C SER B 344 -26.14 44.60 -0.36
N THR B 345 -26.12 43.39 -0.92
CA THR B 345 -26.43 43.15 -2.32
C THR B 345 -27.42 42.00 -2.47
N GLY B 346 -28.27 41.81 -1.46
CA GLY B 346 -29.39 40.89 -1.55
C GLY B 346 -29.17 39.62 -0.75
N THR B 347 -30.25 38.83 -0.65
CA THR B 347 -30.15 37.52 -0.03
C THR B 347 -29.45 36.54 -0.97
N VAL B 348 -28.55 35.75 -0.45
CA VAL B 348 -27.91 34.70 -1.23
C VAL B 348 -28.17 33.37 -0.54
N MET B 349 -28.96 32.51 -1.17
CA MET B 349 -29.11 31.15 -0.68
C MET B 349 -27.91 30.39 -1.21
N GLY B 350 -26.85 30.34 -0.41
CA GLY B 350 -25.59 29.82 -0.87
C GLY B 350 -25.56 28.31 -0.82
N ALA B 351 -24.33 27.77 -0.91
CA ALA B 351 -24.12 26.32 -0.90
C ALA B 351 -24.59 25.67 0.39
N VAL B 352 -24.39 26.33 1.54
CA VAL B 352 -24.79 25.70 2.80
C VAL B 352 -26.31 25.52 2.85
N ILE B 353 -27.05 26.38 2.15
CA ILE B 353 -28.49 26.20 2.04
C ILE B 353 -28.81 25.09 1.05
N MET B 354 -28.09 25.04 -0.07
CA MET B 354 -28.36 24.06 -1.11
C MET B 354 -28.02 22.64 -0.65
N GLU B 355 -27.00 22.49 0.19
CA GLU B 355 -26.62 21.20 0.73
C GLU B 355 -27.80 20.62 1.50
N GLY B 356 -28.06 19.34 1.30
CA GLY B 356 -29.21 18.78 1.95
C GLY B 356 -30.53 18.95 1.22
N PHE B 357 -30.54 19.67 0.10
CA PHE B 357 -31.72 19.68 -0.77
C PHE B 357 -31.29 19.27 -2.15
N TYR B 358 -32.26 18.75 -2.90
CA TYR B 358 -32.08 18.54 -4.32
C TYR B 358 -32.75 19.72 -5.01
N VAL B 359 -31.95 20.52 -5.72
CA VAL B 359 -32.42 21.77 -6.28
C VAL B 359 -32.47 21.64 -7.79
N VAL B 360 -33.67 21.81 -8.34
CA VAL B 360 -33.95 21.64 -9.75
C VAL B 360 -34.11 23.01 -10.40
N PHE B 361 -33.25 23.33 -11.36
CA PHE B 361 -33.30 24.61 -12.07
C PHE B 361 -34.08 24.43 -13.36
N ASP B 362 -35.40 24.50 -13.24
CA ASP B 362 -36.29 24.24 -14.35
C ASP B 362 -36.45 25.52 -15.16
N ARG B 363 -35.45 25.79 -15.99
CA ARG B 363 -35.48 26.99 -16.82
C ARG B 363 -36.64 26.94 -17.80
N ALA B 364 -36.89 25.78 -18.39
CA ALA B 364 -37.95 25.62 -19.39
C ALA B 364 -39.30 26.08 -18.85
N ARG B 365 -39.54 25.93 -17.55
CA ARG B 365 -40.80 26.34 -16.97
C ARG B 365 -40.64 27.52 -16.01
N LYS B 366 -39.50 28.21 -16.04
CA LYS B 366 -39.19 29.35 -15.16
C LYS B 366 -39.46 29.05 -13.69
N ARG B 367 -38.82 28.00 -13.17
CA ARG B 367 -39.09 27.64 -11.78
C ARG B 367 -37.92 26.88 -11.17
N ILE B 368 -37.86 26.94 -9.84
CA ILE B 368 -36.84 26.27 -9.07
C ILE B 368 -37.54 25.27 -8.16
N GLY B 369 -37.05 24.04 -8.15
CA GLY B 369 -37.65 22.98 -7.35
C GLY B 369 -36.76 22.56 -6.19
N PHE B 370 -37.38 22.28 -5.07
CA PHE B 370 -36.69 21.82 -3.88
C PHE B 370 -37.31 20.51 -3.42
N ALA B 371 -36.45 19.63 -2.92
CA ALA B 371 -36.82 18.37 -2.31
C ALA B 371 -35.66 17.99 -1.41
N VAL B 372 -35.99 17.21 -0.37
CA VAL B 372 -34.99 16.72 0.57
C VAL B 372 -33.99 15.85 -0.19
N SER B 373 -32.70 16.13 0.00
CA SER B 373 -31.65 15.40 -0.70
C SER B 373 -31.47 13.97 -0.19
N ALA B 374 -30.99 13.08 -1.07
CA ALA B 374 -30.62 11.74 -0.62
C ALA B 374 -29.44 11.76 0.34
N CYS B 375 -28.50 12.69 0.16
CA CYS B 375 -27.42 12.90 1.13
C CYS B 375 -27.78 14.03 2.10
N HIS B 376 -29.03 14.03 2.58
CA HIS B 376 -29.57 15.14 3.38
C HIS B 376 -28.96 15.20 4.76
N VAL B 377 -29.16 16.36 5.39
CA VAL B 377 -28.60 16.63 6.70
C VAL B 377 -29.54 16.09 7.77
N HIS B 378 -28.98 15.31 8.70
CA HIS B 378 -29.77 14.65 9.74
C HIS B 378 -28.85 14.31 10.90
N ASP B 379 -29.38 14.40 12.11
CA ASP B 379 -28.68 13.87 13.28
C ASP B 379 -29.50 12.71 13.84
N GLU B 380 -30.32 12.96 14.86
CA GLU B 380 -31.09 11.91 15.50
C GLU B 380 -32.32 12.52 16.16
N PHE B 381 -32.49 13.83 16.02
CA PHE B 381 -33.63 14.54 16.59
C PHE B 381 -34.41 15.31 15.53
N ARG B 382 -33.76 16.16 14.76
CA ARG B 382 -34.40 16.98 13.73
C ARG B 382 -33.89 16.59 12.35
N THR B 383 -34.67 16.95 11.33
CA THR B 383 -34.23 16.72 9.95
C THR B 383 -34.60 17.91 9.07
N ALA B 384 -33.70 18.26 8.15
CA ALA B 384 -34.06 19.24 7.14
C ALA B 384 -35.26 18.73 6.35
N ALA B 385 -36.05 19.65 5.80
CA ALA B 385 -37.28 19.24 5.16
C ALA B 385 -37.70 20.26 4.12
N VAL B 386 -38.66 19.85 3.31
CA VAL B 386 -39.37 20.72 2.37
C VAL B 386 -40.83 20.39 2.59
N GLU B 387 -41.58 21.34 3.16
CA GLU B 387 -42.95 21.11 3.59
C GLU B 387 -43.90 22.11 2.94
N GLY B 388 -45.08 21.61 2.59
CA GLY B 388 -46.16 22.41 2.04
C GLY B 388 -47.46 21.62 2.07
N PRO B 389 -48.57 22.24 1.66
CA PRO B 389 -48.63 23.65 1.25
C PRO B 389 -48.86 24.52 2.47
N PHE B 390 -48.54 25.81 2.34
CA PHE B 390 -48.80 26.80 3.36
C PHE B 390 -49.53 27.94 2.70
N VAL B 391 -50.34 28.66 3.48
CA VAL B 391 -51.03 29.86 2.98
C VAL B 391 -50.28 31.13 3.35
N THR B 392 -50.03 31.99 2.36
CA THR B 392 -49.44 33.31 2.55
C THR B 392 -50.18 34.28 1.64
N LEU B 393 -50.61 35.42 2.18
CA LEU B 393 -51.29 36.44 1.39
C LEU B 393 -50.30 37.45 0.82
N ASP B 394 -50.68 38.07 -0.31
CA ASP B 394 -49.89 39.13 -0.97
C ASP B 394 -48.45 38.71 -1.24
N MET B 395 -48.28 37.50 -1.76
CA MET B 395 -46.92 37.02 -2.00
C MET B 395 -46.18 37.93 -2.96
N GLU B 396 -46.87 38.45 -3.97
CA GLU B 396 -46.22 39.26 -5.00
C GLU B 396 -45.63 40.55 -4.42
N ASP B 397 -46.19 41.06 -3.31
CA ASP B 397 -45.71 42.28 -2.65
C ASP B 397 -44.38 42.07 -1.95
N CYS B 398 -43.91 40.84 -1.80
CA CYS B 398 -42.66 40.61 -1.12
C CYS B 398 -41.47 40.87 -2.03
N GLY B 399 -41.70 40.95 -3.33
CA GLY B 399 -40.62 41.32 -4.23
C GLY B 399 -40.30 42.79 -4.08
N TYR B 400 -39.02 43.13 -4.13
CA TYR B 400 -38.58 44.50 -4.02
C TYR B 400 -38.41 45.15 -5.39
N ASN B 401 -38.63 46.47 -5.43
CA ASN B 401 -38.52 47.25 -6.66
C ASN B 401 -37.74 48.57 -6.50
N SER C 14 43.11 3.28 20.12
CA SER C 14 43.21 3.82 18.77
C SER C 14 43.38 2.71 17.73
N PHE C 15 42.27 2.39 17.06
CA PHE C 15 42.19 1.31 16.09
C PHE C 15 42.54 1.70 14.64
N VAL C 16 42.66 2.99 14.33
CA VAL C 16 42.90 3.38 12.95
C VAL C 16 44.19 2.77 12.40
N GLU C 17 45.16 2.49 13.26
CA GLU C 17 46.43 1.90 12.83
C GLU C 17 46.28 0.48 12.30
N MET C 18 45.20 -0.22 12.66
CA MET C 18 44.98 -1.60 12.22
C MET C 18 44.02 -1.71 11.04
N VAL C 19 43.34 -0.62 10.67
CA VAL C 19 42.47 -0.66 9.51
C VAL C 19 43.26 -1.02 8.27
N ASP C 20 42.71 -1.91 7.45
CA ASP C 20 43.30 -2.27 6.17
C ASP C 20 44.59 -3.05 6.31
N ASN C 21 44.75 -3.80 7.39
CA ASN C 21 45.96 -4.57 7.61
C ASN C 21 45.86 -6.01 7.11
N LEU C 22 44.84 -6.37 6.33
CA LEU C 22 44.76 -7.69 5.74
C LEU C 22 44.88 -7.60 4.22
N ARG C 23 45.53 -8.59 3.63
CA ARG C 23 45.60 -8.74 2.19
C ARG C 23 45.35 -10.20 1.85
N GLY C 24 45.12 -10.47 0.58
CA GLY C 24 45.02 -11.83 0.12
C GLY C 24 44.55 -11.87 -1.32
N LYS C 25 44.47 -13.08 -1.84
CA LYS C 25 43.92 -13.31 -3.17
C LYS C 25 42.70 -14.19 -3.04
N SER C 26 41.81 -14.09 -4.02
CA SER C 26 40.55 -14.83 -3.97
C SER C 26 40.81 -16.32 -3.83
N GLY C 27 40.07 -16.95 -2.91
CA GLY C 27 40.25 -18.36 -2.66
C GLY C 27 41.56 -18.74 -2.02
N GLN C 28 42.33 -17.76 -1.53
CA GLN C 28 43.62 -18.05 -0.90
C GLN C 28 43.74 -17.36 0.45
N GLY C 29 42.62 -16.93 1.03
CA GLY C 29 42.57 -16.43 2.39
C GLY C 29 43.08 -15.01 2.56
N TYR C 30 42.98 -14.55 3.80
CA TYR C 30 43.41 -13.23 4.19
C TYR C 30 44.55 -13.36 5.19
N TYR C 31 45.60 -12.58 5.02
CA TYR C 31 46.77 -12.69 5.87
C TYR C 31 47.15 -11.32 6.43
N VAL C 32 47.88 -11.37 7.55
CA VAL C 32 48.33 -10.20 8.28
C VAL C 32 49.83 -10.36 8.43
N GLU C 33 50.53 -9.22 8.49
CA GLU C 33 51.98 -9.24 8.65
C GLU C 33 52.35 -9.40 10.11
N MET C 34 53.34 -10.25 10.38
CA MET C 34 53.81 -10.49 11.74
C MET C 34 55.32 -10.56 11.75
N THR C 35 55.89 -10.53 12.95
CA THR C 35 57.32 -10.76 13.12
C THR C 35 57.54 -11.77 14.25
N VAL C 36 58.51 -12.66 14.06
CA VAL C 36 58.89 -13.62 15.10
C VAL C 36 60.41 -13.56 15.30
N GLY C 37 60.82 -13.62 16.56
CA GLY C 37 62.23 -13.74 16.90
C GLY C 37 62.91 -12.41 17.20
N SER C 38 64.22 -12.50 17.35
CA SER C 38 65.11 -11.39 17.68
C SER C 38 66.43 -11.60 16.95
N PRO C 39 66.76 -10.77 15.97
CA PRO C 39 65.96 -9.64 15.45
C PRO C 39 64.67 -10.11 14.78
N PRO C 40 63.69 -9.21 14.64
CA PRO C 40 62.40 -9.61 14.07
C PRO C 40 62.53 -10.20 12.67
N GLN C 41 61.84 -11.32 12.45
CA GLN C 41 61.75 -11.95 11.14
C GLN C 41 60.32 -11.73 10.65
N THR C 42 60.17 -11.06 9.52
CA THR C 42 58.87 -10.67 9.02
C THR C 42 58.27 -11.79 8.18
N LEU C 43 57.02 -12.14 8.47
CA LEU C 43 56.31 -13.20 7.77
C LEU C 43 54.85 -12.78 7.60
N ASN C 44 54.27 -13.15 6.48
CA ASN C 44 52.84 -12.97 6.24
C ASN C 44 52.11 -14.19 6.76
N ILE C 45 51.06 -13.97 7.58
CA ILE C 45 50.43 -15.05 8.33
C ILE C 45 48.93 -15.06 8.07
N LEU C 46 48.42 -16.20 7.59
CA LEU C 46 47.01 -16.35 7.26
C LEU C 46 46.13 -16.38 8.51
N VAL C 47 45.05 -15.60 8.49
CA VAL C 47 44.17 -15.43 9.65
C VAL C 47 43.06 -16.49 9.60
N ASP C 48 43.07 -17.41 10.56
CA ASP C 48 42.19 -18.58 10.54
C ASP C 48 41.43 -18.67 11.86
N THR C 49 40.14 -18.32 11.83
CA THR C 49 39.32 -18.51 13.02
C THR C 49 38.80 -19.94 13.15
N GLY C 50 39.13 -20.82 12.21
CA GLY C 50 38.74 -22.22 12.22
C GLY C 50 39.77 -23.19 12.81
N SER C 51 40.86 -22.70 13.36
CA SER C 51 41.86 -23.55 13.99
C SER C 51 42.52 -22.76 15.11
N SER C 52 43.44 -23.42 15.84
CA SER C 52 43.98 -22.79 17.04
C SER C 52 45.50 -22.92 17.17
N ASN C 53 46.20 -23.30 16.13
CA ASN C 53 47.65 -23.42 16.18
C ASN C 53 48.28 -22.25 15.44
N PHE C 54 49.30 -21.65 16.07
CA PHE C 54 50.14 -20.67 15.40
C PHE C 54 51.31 -21.43 14.84
N ALA C 55 51.47 -21.41 13.50
CA ALA C 55 52.48 -22.20 12.83
C ALA C 55 53.06 -21.41 11.66
N VAL C 56 54.36 -21.60 11.43
CA VAL C 56 55.05 -20.87 10.37
C VAL C 56 56.01 -21.81 9.65
N GLY C 57 56.13 -21.62 8.33
CA GLY C 57 57.15 -22.33 7.60
C GLY C 57 58.50 -22.05 8.23
N ALA C 58 59.29 -23.11 8.40
CA ALA C 58 60.60 -23.03 9.05
C ALA C 58 61.62 -23.89 8.32
N ALA C 59 61.36 -24.25 7.07
CA ALA C 59 62.21 -25.07 6.22
C ALA C 59 61.85 -24.75 4.78
N PRO C 60 62.81 -24.86 3.86
CA PRO C 60 62.53 -24.50 2.46
C PRO C 60 61.33 -25.26 1.92
N HIS C 61 60.63 -24.62 0.98
CA HIS C 61 59.49 -25.22 0.30
C HIS C 61 59.32 -24.50 -1.02
N PRO C 62 58.95 -25.21 -2.09
CA PRO C 62 58.78 -24.55 -3.41
C PRO C 62 57.86 -23.34 -3.38
N PHE C 63 56.85 -23.31 -2.51
CA PHE C 63 55.87 -22.25 -2.55
C PHE C 63 56.14 -21.13 -1.54
N LEU C 64 57.25 -21.20 -0.79
CA LEU C 64 57.58 -20.18 0.21
C LEU C 64 58.64 -19.22 -0.32
N HIS C 65 58.36 -17.91 -0.22
CA HIS C 65 59.36 -16.91 -0.59
C HIS C 65 60.38 -16.72 0.51
N ARG C 66 60.05 -17.09 1.74
CA ARG C 66 60.90 -16.89 2.89
C ARG C 66 60.35 -17.77 3.99
N TYR C 67 61.16 -18.02 5.03
CA TYR C 67 60.74 -18.90 6.11
C TYR C 67 61.48 -18.59 7.40
N TYR C 68 60.88 -19.06 8.49
CA TYR C 68 61.38 -18.84 9.85
C TYR C 68 62.70 -19.57 10.06
N GLN C 69 63.73 -18.83 10.45
CA GLN C 69 65.06 -19.38 10.70
C GLN C 69 65.33 -19.31 12.20
N ARG C 70 65.04 -20.42 12.89
CA ARG C 70 65.19 -20.45 14.34
C ARG C 70 66.60 -20.13 14.79
N GLN C 71 67.61 -20.59 14.04
CA GLN C 71 69.01 -20.36 14.41
C GLN C 71 69.40 -18.89 14.43
N LEU C 72 68.57 -17.99 13.89
CA LEU C 72 68.86 -16.56 13.90
C LEU C 72 68.14 -15.80 15.02
N SER C 73 67.29 -16.46 15.80
CA SER C 73 66.54 -15.80 16.86
C SER C 73 67.19 -16.12 18.20
N SER C 74 67.71 -15.10 18.87
CA SER C 74 68.30 -15.31 20.18
C SER C 74 67.25 -15.65 21.24
N THR C 75 65.99 -15.31 20.98
CA THR C 75 64.91 -15.56 21.91
C THR C 75 64.18 -16.88 21.64
N TYR C 76 64.67 -17.67 20.69
CA TYR C 76 64.06 -18.97 20.39
C TYR C 76 64.30 -19.97 21.52
N ARG C 77 63.29 -20.80 21.80
CA ARG C 77 63.37 -21.85 22.80
C ARG C 77 62.70 -23.10 22.24
N ASP C 78 63.45 -24.16 22.03
CA ASP C 78 62.88 -25.41 21.56
C ASP C 78 62.06 -26.05 22.69
N LEU C 79 60.94 -26.66 22.33
CA LEU C 79 60.09 -27.37 23.28
C LEU C 79 60.28 -28.87 23.15
N ARG C 80 61.12 -29.30 22.21
CA ARG C 80 61.47 -30.69 21.95
C ARG C 80 60.24 -31.60 21.98
N LYS C 81 59.26 -31.23 21.17
CA LYS C 81 58.00 -31.95 21.03
C LYS C 81 57.49 -31.68 19.61
N GLY C 82 57.07 -32.75 18.93
CA GLY C 82 56.55 -32.62 17.58
C GLY C 82 55.05 -32.33 17.57
N VAL C 83 54.53 -32.03 16.38
CA VAL C 83 53.13 -31.70 16.22
C VAL C 83 52.75 -31.89 14.76
N TYR C 84 51.48 -32.27 14.53
CA TYR C 84 50.92 -32.26 13.18
C TYR C 84 49.45 -31.89 13.28
N VAL C 85 48.97 -31.17 12.27
CA VAL C 85 47.61 -30.65 12.23
C VAL C 85 47.01 -31.06 10.91
N PRO C 86 45.94 -31.87 10.89
CA PRO C 86 45.25 -32.17 9.63
C PRO C 86 43.96 -31.37 9.50
N TYR C 87 43.88 -30.49 8.53
CA TYR C 87 42.68 -29.70 8.33
C TYR C 87 41.66 -30.49 7.51
N THR C 88 40.56 -29.84 7.15
CA THR C 88 39.63 -30.48 6.22
C THR C 88 40.35 -30.91 4.95
N GLN C 89 41.27 -30.08 4.48
CA GLN C 89 42.14 -30.39 3.35
C GLN C 89 43.51 -29.79 3.62
N GLY C 90 44.56 -30.59 3.41
CA GLY C 90 45.92 -30.13 3.69
C GLY C 90 46.36 -30.46 5.11
N LYS C 91 47.67 -30.53 5.29
CA LYS C 91 48.24 -30.82 6.60
C LYS C 91 49.70 -30.38 6.61
N TRP C 92 50.25 -30.29 7.82
CA TRP C 92 51.66 -30.03 8.03
C TRP C 92 52.09 -30.67 9.33
N GLU C 93 53.40 -30.81 9.48
CA GLU C 93 53.98 -31.28 10.72
C GLU C 93 55.18 -30.39 10.99
N GLY C 94 55.63 -30.39 12.23
CA GLY C 94 56.77 -29.58 12.59
C GLY C 94 57.20 -29.78 14.03
N GLU C 95 57.97 -28.80 14.51
CA GLU C 95 58.62 -28.80 15.80
C GLU C 95 58.08 -27.67 16.67
N LEU C 96 57.73 -27.97 17.92
CA LEU C 96 57.23 -26.93 18.81
C LEU C 96 58.35 -26.14 19.49
N GLY C 97 58.07 -24.88 19.78
CA GLY C 97 59.01 -23.99 20.45
C GLY C 97 58.29 -22.70 20.81
N THR C 98 59.02 -21.78 21.43
CA THR C 98 58.44 -20.48 21.73
C THR C 98 59.34 -19.38 21.20
N ASP C 99 58.77 -18.21 21.02
CA ASP C 99 59.55 -17.07 20.59
C ASP C 99 58.70 -15.82 20.77
N LEU C 100 59.35 -14.67 20.65
CA LEU C 100 58.67 -13.39 20.75
C LEU C 100 58.00 -13.10 19.42
N VAL C 101 56.76 -12.61 19.50
CA VAL C 101 55.92 -12.37 18.33
C VAL C 101 55.36 -10.97 18.44
N SER C 102 55.21 -10.28 17.29
CA SER C 102 54.60 -8.96 17.23
C SER C 102 53.78 -8.83 15.95
N ILE C 103 52.87 -7.87 15.94
CA ILE C 103 52.06 -7.55 14.77
C ILE C 103 52.28 -6.09 14.42
N PRO C 104 53.09 -5.80 13.39
CA PRO C 104 53.39 -4.38 13.05
C PRO C 104 52.16 -3.49 12.94
N HIS C 105 51.16 -3.89 12.17
CA HIS C 105 49.91 -3.13 12.04
C HIS C 105 48.84 -3.66 12.99
N GLY C 106 49.23 -3.86 14.23
CA GLY C 106 48.33 -4.35 15.25
C GLY C 106 48.63 -3.61 16.53
N PRO C 107 48.26 -4.18 17.66
CA PRO C 107 48.62 -3.56 18.94
C PRO C 107 50.13 -3.46 19.07
N ASN C 108 50.57 -2.47 19.83
CA ASN C 108 51.99 -2.18 20.02
C ASN C 108 52.53 -2.97 21.22
N VAL C 109 52.63 -4.28 21.04
CA VAL C 109 53.06 -5.17 22.13
C VAL C 109 53.87 -6.31 21.54
N THR C 110 54.49 -7.07 22.44
CA THR C 110 55.35 -8.19 22.12
C THR C 110 55.00 -9.30 23.10
N VAL C 111 54.72 -10.49 22.58
CA VAL C 111 54.33 -11.59 23.44
C VAL C 111 55.15 -12.80 23.06
N ARG C 112 55.47 -13.61 24.05
CA ARG C 112 56.12 -14.90 23.83
C ARG C 112 55.02 -15.93 23.60
N ALA C 113 55.05 -16.57 22.45
CA ALA C 113 53.96 -17.46 22.07
C ALA C 113 54.49 -18.83 21.68
N ASN C 114 53.57 -19.78 21.65
CA ASN C 114 53.90 -21.08 21.07
C ASN C 114 53.99 -20.94 19.56
N ILE C 115 55.01 -21.55 18.98
CA ILE C 115 55.18 -21.54 17.53
C ILE C 115 55.47 -22.93 17.06
N ALA C 116 54.69 -23.39 16.08
CA ALA C 116 54.95 -24.66 15.44
C ALA C 116 55.78 -24.34 14.21
N ALA C 117 57.05 -24.75 14.25
CA ALA C 117 57.95 -24.58 13.13
C ALA C 117 57.61 -25.66 12.13
N ILE C 118 56.96 -25.28 11.03
CA ILE C 118 56.56 -26.25 10.02
C ILE C 118 57.78 -26.73 9.25
N THR C 119 58.07 -28.01 9.37
CA THR C 119 59.20 -28.59 8.66
C THR C 119 58.80 -29.37 7.41
N GLU C 120 57.54 -29.81 7.32
CA GLU C 120 57.02 -30.55 6.17
C GLU C 120 55.53 -30.26 6.03
N SER C 121 55.03 -30.32 4.80
CA SER C 121 53.63 -29.99 4.58
C SER C 121 53.10 -30.72 3.35
N ASP C 122 51.78 -30.84 3.27
CA ASP C 122 51.13 -31.56 2.17
C ASP C 122 49.89 -30.78 1.77
N LYS C 123 49.92 -30.17 0.57
CA LYS C 123 48.79 -29.41 0.03
C LYS C 123 48.28 -28.36 1.01
N PHE C 124 49.22 -27.70 1.68
CA PHE C 124 48.91 -26.61 2.62
C PHE C 124 49.32 -25.27 2.01
N PHE C 125 50.61 -25.04 1.82
CA PHE C 125 51.04 -23.80 1.17
C PHE C 125 50.54 -23.79 -0.27
N ILE C 126 50.14 -22.59 -0.72
CA ILE C 126 49.55 -22.37 -2.04
C ILE C 126 50.58 -21.64 -2.91
N ASN C 127 50.78 -22.15 -4.12
CA ASN C 127 51.74 -21.56 -5.03
C ASN C 127 51.40 -20.10 -5.33
N GLY C 128 52.33 -19.21 -5.03
CA GLY C 128 52.21 -17.78 -5.26
C GLY C 128 51.09 -17.12 -4.50
N SER C 129 51.12 -17.21 -3.18
CA SER C 129 50.06 -16.61 -2.39
C SER C 129 50.52 -15.47 -1.51
N ASN C 130 51.80 -15.40 -1.17
CA ASN C 130 52.47 -14.37 -0.36
C ASN C 130 52.37 -14.61 1.14
N TRP C 131 51.73 -15.69 1.63
CA TRP C 131 51.77 -15.98 3.06
C TRP C 131 52.59 -17.23 3.37
N GLU C 132 53.20 -17.25 4.55
CA GLU C 132 54.13 -18.31 4.93
C GLU C 132 53.77 -19.02 6.23
N GLY C 133 52.63 -18.70 6.83
CA GLY C 133 52.26 -19.29 8.09
C GLY C 133 50.77 -19.09 8.34
N ILE C 134 50.31 -19.57 9.50
CA ILE C 134 48.89 -19.58 9.83
C ILE C 134 48.70 -19.17 11.29
N LEU C 135 47.69 -18.35 11.53
CA LEU C 135 47.35 -17.88 12.87
C LEU C 135 45.98 -18.45 13.25
N GLY C 136 45.98 -19.53 14.03
CA GLY C 136 44.74 -20.10 14.51
C GLY C 136 44.17 -19.33 15.68
N LEU C 137 42.99 -18.74 15.50
CA LEU C 137 42.40 -17.86 16.49
C LEU C 137 41.31 -18.51 17.33
N ALA C 138 41.10 -19.82 17.19
CA ALA C 138 40.08 -20.53 17.96
C ALA C 138 40.67 -20.94 19.31
N TYR C 139 39.91 -21.74 20.08
CA TYR C 139 40.21 -22.01 21.48
C TYR C 139 41.15 -23.22 21.66
N ALA C 140 41.68 -23.32 22.87
CA ALA C 140 42.66 -24.37 23.17
C ALA C 140 42.12 -25.78 22.91
N GLU C 141 40.82 -26.00 23.14
CA GLU C 141 40.22 -27.34 23.05
C GLU C 141 40.61 -28.10 21.79
N ILE C 142 40.80 -27.40 20.67
CA ILE C 142 41.11 -28.02 19.41
C ILE C 142 42.55 -27.75 18.97
N ALA C 143 43.38 -27.23 19.86
CA ALA C 143 44.77 -27.04 19.51
C ALA C 143 45.48 -28.38 19.44
N ARG C 144 46.47 -28.47 18.54
CA ARG C 144 47.34 -29.64 18.44
C ARG C 144 48.71 -29.35 19.05
N PRO C 145 49.34 -30.32 19.73
CA PRO C 145 48.92 -31.71 19.93
C PRO C 145 47.83 -31.93 20.98
N ASP C 146 47.61 -30.99 21.90
CA ASP C 146 46.56 -31.16 22.91
C ASP C 146 46.22 -29.80 23.47
N ASP C 147 45.12 -29.74 24.27
CA ASP C 147 44.61 -28.43 24.66
C ASP C 147 45.46 -27.73 25.64
N SER C 148 46.65 -28.23 25.92
CA SER C 148 47.58 -27.51 26.75
C SER C 148 48.48 -26.61 25.94
N LEU C 149 48.37 -26.64 24.62
CA LEU C 149 49.18 -25.75 23.78
C LEU C 149 48.44 -24.43 23.67
N GLU C 150 48.75 -23.51 24.57
CA GLU C 150 48.08 -22.23 24.67
C GLU C 150 48.10 -21.53 23.30
N PRO C 151 46.94 -21.19 22.76
CA PRO C 151 46.90 -20.47 21.48
C PRO C 151 47.42 -19.05 21.60
N PHE C 152 47.83 -18.51 20.45
CA PHE C 152 48.38 -17.16 20.38
C PHE C 152 47.47 -16.12 21.02
N PHE C 153 46.20 -16.07 20.61
CA PHE C 153 45.34 -15.02 21.17
C PHE C 153 45.19 -15.15 22.68
N ASP C 154 45.19 -16.38 23.20
CA ASP C 154 45.20 -16.51 24.65
C ASP C 154 46.49 -15.92 25.24
N SER C 155 47.63 -16.18 24.60
CA SER C 155 48.90 -15.63 25.07
C SER C 155 48.85 -14.11 25.07
N LEU C 156 48.35 -13.52 23.99
CA LEU C 156 48.27 -12.07 23.89
C LEU C 156 47.46 -11.48 25.04
N VAL C 157 46.23 -11.97 25.23
CA VAL C 157 45.37 -11.42 26.28
C VAL C 157 46.00 -11.60 27.65
N LYS C 158 46.64 -12.75 27.89
CA LYS C 158 47.16 -13.05 29.22
C LYS C 158 48.46 -12.30 29.52
N GLN C 159 49.21 -11.86 28.50
CA GLN C 159 50.48 -11.19 28.71
C GLN C 159 50.39 -9.68 28.58
N THR C 160 49.33 -9.15 27.99
CA THR C 160 49.21 -7.71 27.85
C THR C 160 47.86 -7.23 28.34
N HIS C 161 47.57 -5.95 28.11
CA HIS C 161 46.29 -5.37 28.47
C HIS C 161 45.31 -5.37 27.30
N VAL C 162 45.61 -6.11 26.23
CA VAL C 162 44.69 -6.17 25.09
C VAL C 162 43.37 -6.77 25.55
N PRO C 163 42.23 -6.10 25.31
CA PRO C 163 40.94 -6.71 25.68
C PRO C 163 40.73 -8.00 24.89
N ASN C 164 39.95 -8.91 25.49
CA ASN C 164 39.77 -10.24 24.92
C ASN C 164 38.67 -10.24 23.84
N LEU C 165 38.97 -9.62 22.70
CA LEU C 165 38.07 -9.64 21.56
C LEU C 165 38.79 -9.13 20.33
N PHE C 166 38.31 -9.55 19.15
CA PHE C 166 38.80 -9.07 17.86
C PHE C 166 37.64 -9.10 16.86
N SER C 167 37.81 -8.34 15.77
CA SER C 167 36.82 -8.25 14.72
C SER C 167 37.47 -8.32 13.34
N LEU C 168 36.77 -8.94 12.40
CA LEU C 168 37.27 -9.13 11.05
C LEU C 168 36.35 -8.45 10.07
N GLN C 169 36.92 -7.64 9.19
CA GLN C 169 36.22 -7.06 8.06
C GLN C 169 36.93 -7.57 6.84
N LEU C 170 36.39 -8.63 6.25
CA LEU C 170 36.94 -9.22 5.03
C LEU C 170 36.21 -8.60 3.83
N CYS C 171 36.97 -8.01 2.93
CA CYS C 171 36.39 -7.34 1.76
C CYS C 171 36.59 -8.19 0.50
N GLY C 172 35.64 -8.11 -0.41
CA GLY C 172 35.79 -8.80 -1.67
C GLY C 172 36.62 -7.99 -2.65
N ALA C 173 36.41 -8.25 -3.93
CA ALA C 173 37.11 -7.49 -4.97
C ALA C 173 36.38 -6.19 -5.26
N GLY C 174 37.12 -5.11 -5.42
CA GLY C 174 36.53 -3.87 -5.91
C GLY C 174 36.73 -2.67 -5.01
N PHE C 175 37.69 -2.75 -4.09
CA PHE C 175 37.90 -1.70 -3.09
C PHE C 175 39.36 -1.28 -3.07
N PRO C 176 39.65 0.02 -2.88
CA PRO C 176 41.02 0.58 -2.96
C PRO C 176 41.95 0.10 -1.85
N ALA C 184 46.82 -9.41 -2.77
CA ALA C 184 47.05 -8.36 -3.76
C ALA C 184 45.80 -8.15 -4.64
N SER C 185 44.68 -8.69 -4.19
CA SER C 185 43.42 -8.64 -4.93
C SER C 185 42.28 -8.28 -3.97
N VAL C 186 42.44 -8.66 -2.70
CA VAL C 186 41.42 -8.37 -1.70
C VAL C 186 42.14 -7.89 -0.45
N GLY C 187 41.41 -7.11 0.36
CA GLY C 187 41.93 -6.60 1.60
C GLY C 187 40.90 -6.70 2.70
N GLY C 188 41.26 -6.19 3.86
CA GLY C 188 40.35 -6.22 4.99
C GLY C 188 41.01 -5.67 6.23
N SER C 189 40.28 -5.73 7.33
CA SER C 189 40.79 -5.25 8.60
C SER C 189 40.65 -6.33 9.68
N MET C 190 41.70 -6.45 10.50
CA MET C 190 41.63 -7.24 11.72
C MET C 190 41.91 -6.27 12.87
N ILE C 191 40.85 -5.90 13.56
CA ILE C 191 40.92 -5.01 14.71
C ILE C 191 41.12 -5.87 15.95
N ILE C 192 42.31 -5.81 16.52
CA ILE C 192 42.66 -6.57 17.72
C ILE C 192 42.40 -5.73 18.97
N GLY C 193 41.47 -6.18 19.81
CA GLY C 193 41.21 -5.51 21.06
C GLY C 193 39.97 -4.66 21.08
N GLY C 194 39.20 -4.65 20.01
CA GLY C 194 38.03 -3.80 20.00
C GLY C 194 37.32 -3.82 18.67
N ILE C 195 36.46 -2.81 18.54
CA ILE C 195 35.55 -2.63 17.42
C ILE C 195 35.83 -1.26 16.82
N ASP C 196 35.98 -1.19 15.50
CA ASP C 196 36.14 0.09 14.80
C ASP C 196 34.83 0.42 14.09
N HIS C 197 34.11 1.42 14.63
CA HIS C 197 32.77 1.79 14.19
C HIS C 197 32.73 2.37 12.78
N SER C 198 33.86 2.78 12.20
CA SER C 198 33.85 3.23 10.82
C SER C 198 33.92 2.09 9.80
N LEU C 199 34.05 0.84 10.25
CA LEU C 199 34.14 -0.29 9.33
C LEU C 199 32.78 -0.91 9.07
N TYR C 200 31.72 -0.39 9.68
CA TYR C 200 30.40 -0.97 9.48
C TYR C 200 29.32 0.09 9.61
N THR C 201 28.13 -0.27 9.15
CA THR C 201 26.94 0.56 9.23
C THR C 201 25.84 -0.16 9.99
N GLY C 202 24.87 0.61 10.48
CA GLY C 202 23.74 0.02 11.17
C GLY C 202 24.11 -0.60 12.52
N SER C 203 23.28 -1.53 12.95
CA SER C 203 23.44 -2.16 14.25
C SER C 203 24.19 -3.49 14.19
N LEU C 204 24.87 -3.78 15.29
CA LEU C 204 25.49 -5.07 15.54
C LEU C 204 24.49 -6.00 16.22
N TRP C 205 24.32 -7.19 15.68
CA TRP C 205 23.49 -8.22 16.27
C TRP C 205 24.37 -9.39 16.75
N TYR C 206 24.11 -9.88 17.94
CA TYR C 206 24.94 -10.89 18.57
C TYR C 206 24.24 -12.24 18.66
N THR C 207 24.97 -13.31 18.39
CA THR C 207 24.59 -14.70 18.53
C THR C 207 25.58 -15.38 19.48
N PRO C 208 25.09 -16.21 20.39
CA PRO C 208 26.02 -16.80 21.38
C PRO C 208 26.92 -17.86 20.77
N ILE C 209 28.14 -17.89 21.30
CA ILE C 209 29.09 -18.96 21.05
C ILE C 209 28.67 -20.14 21.89
N ARG C 210 28.19 -21.21 21.23
CA ARG C 210 27.66 -22.34 21.99
C ARG C 210 28.70 -22.96 22.91
N ARG C 211 29.92 -23.13 22.42
CA ARG C 211 31.00 -23.81 23.15
C ARG C 211 32.33 -23.27 22.65
N GLU C 212 33.31 -23.14 23.55
CA GLU C 212 34.60 -22.57 23.17
C GLU C 212 35.51 -23.67 22.67
N TRP C 213 35.40 -24.01 21.40
CA TRP C 213 36.40 -24.83 20.74
C TRP C 213 36.62 -24.25 19.34
N TYR C 214 35.73 -24.54 18.40
CA TYR C 214 35.57 -23.68 17.25
C TYR C 214 34.72 -22.49 17.69
N TYR C 215 34.55 -21.52 16.78
CA TYR C 215 33.56 -20.47 17.04
C TYR C 215 32.22 -21.02 16.59
N GLU C 216 31.63 -21.84 17.46
CA GLU C 216 30.42 -22.55 17.14
C GLU C 216 29.20 -21.69 17.43
N VAL C 217 28.25 -21.66 16.48
CA VAL C 217 27.00 -20.93 16.61
C VAL C 217 25.85 -21.87 16.25
N ILE C 218 24.63 -21.38 16.45
CA ILE C 218 23.42 -22.14 16.18
C ILE C 218 22.60 -21.41 15.11
N ILE C 219 22.40 -22.07 13.97
CA ILE C 219 21.52 -21.59 12.92
C ILE C 219 20.11 -22.12 13.20
N VAL C 220 19.13 -21.22 13.26
CA VAL C 220 17.76 -21.59 13.66
C VAL C 220 16.75 -21.54 12.53
N ARG C 221 17.12 -21.04 11.36
CA ARG C 221 16.24 -20.97 10.21
C ARG C 221 17.06 -20.59 8.97
N VAL C 222 16.64 -21.12 7.82
CA VAL C 222 17.25 -20.82 6.52
C VAL C 222 16.14 -20.58 5.51
N GLU C 223 16.23 -19.46 4.80
CA GLU C 223 15.25 -19.12 3.76
C GLU C 223 16.01 -18.83 2.47
N ILE C 224 15.42 -19.22 1.35
CA ILE C 224 15.98 -18.97 0.03
C ILE C 224 14.96 -18.13 -0.71
N ASN C 225 15.37 -16.93 -1.13
CA ASN C 225 14.45 -15.94 -1.72
C ASN C 225 13.21 -15.79 -0.85
N GLY C 226 13.39 -15.78 0.47
CA GLY C 226 12.28 -15.62 1.38
C GLY C 226 11.45 -16.86 1.63
N GLN C 227 11.83 -18.00 1.08
CA GLN C 227 11.07 -19.24 1.24
C GLN C 227 11.81 -20.12 2.23
N ASP C 228 11.13 -20.51 3.31
CA ASP C 228 11.72 -21.33 4.34
C ASP C 228 12.09 -22.69 3.75
N LEU C 229 13.30 -23.15 4.07
CA LEU C 229 13.75 -24.46 3.59
C LEU C 229 12.98 -25.60 4.21
N LYS C 230 12.18 -25.33 5.25
CA LYS C 230 11.31 -26.29 5.93
C LYS C 230 12.05 -27.57 6.32
N MET C 231 13.16 -27.41 7.02
CA MET C 231 13.93 -28.55 7.49
C MET C 231 14.00 -28.49 9.02
N ASP C 232 14.16 -29.68 9.61
CA ASP C 232 14.43 -29.76 11.04
C ASP C 232 15.70 -28.96 11.32
N CYS C 233 15.58 -27.90 12.13
CA CYS C 233 16.73 -27.01 12.30
C CYS C 233 17.95 -27.71 12.86
N LYS C 234 17.80 -28.91 13.42
CA LYS C 234 18.98 -29.67 13.82
C LYS C 234 19.83 -30.06 12.63
N GLU C 235 19.22 -30.26 11.47
CA GLU C 235 19.98 -30.55 10.26
C GLU C 235 20.93 -29.44 9.91
N TYR C 236 20.55 -28.19 10.20
CA TYR C 236 21.38 -27.05 9.84
C TYR C 236 22.67 -27.02 10.65
N ASN C 237 22.68 -27.64 11.84
CA ASN C 237 23.80 -27.58 12.77
C ASN C 237 24.35 -28.96 13.07
N TYR C 238 24.28 -29.86 12.10
CA TYR C 238 24.75 -31.23 12.21
C TYR C 238 26.09 -31.34 11.49
N ASP C 239 27.18 -31.61 12.22
CA ASP C 239 27.20 -31.89 13.66
C ASP C 239 27.60 -30.67 14.49
N LYS C 240 27.71 -29.52 13.83
CA LYS C 240 28.05 -28.21 14.38
C LYS C 240 27.99 -27.18 13.25
N SER C 241 27.89 -25.91 13.62
CA SER C 241 28.05 -24.78 12.71
C SER C 241 29.16 -23.88 13.26
N ILE C 242 30.07 -23.43 12.39
CA ILE C 242 31.20 -22.62 12.83
C ILE C 242 31.39 -21.42 11.92
N VAL C 243 32.03 -20.38 12.47
CA VAL C 243 32.42 -19.21 11.68
C VAL C 243 33.92 -19.29 11.47
N ASP C 244 34.34 -19.52 10.22
CA ASP C 244 35.69 -19.97 9.89
C ASP C 244 36.28 -19.18 8.73
N SER C 245 37.13 -18.19 9.04
CA SER C 245 37.74 -17.38 7.99
C SER C 245 38.78 -18.15 7.18
N GLY C 246 39.23 -19.28 7.69
CA GLY C 246 40.14 -20.13 6.98
C GLY C 246 39.50 -21.06 5.97
N THR C 247 38.16 -21.11 5.86
CA THR C 247 37.48 -21.86 4.81
C THR C 247 36.87 -20.89 3.79
N THR C 248 37.13 -21.13 2.50
CA THR C 248 36.60 -20.23 1.47
C THR C 248 35.08 -20.27 1.42
N ASN C 249 34.53 -21.46 1.18
CA ASN C 249 33.14 -21.64 0.81
C ASN C 249 32.18 -21.57 2.00
N LEU C 250 30.90 -21.47 1.67
CA LEU C 250 29.85 -21.86 2.58
C LEU C 250 29.71 -23.39 2.44
N ARG C 251 30.03 -24.12 3.49
CA ARG C 251 29.93 -25.57 3.48
C ARG C 251 28.71 -26.00 4.29
N LEU C 252 27.83 -26.80 3.68
CA LEU C 252 26.54 -27.25 4.18
C LEU C 252 26.46 -28.77 4.29
N PRO C 253 25.91 -29.30 5.39
CA PRO C 253 25.73 -30.76 5.49
C PRO C 253 24.84 -31.30 4.38
N LYS C 254 25.10 -32.55 4.02
CA LYS C 254 24.48 -33.19 2.85
C LYS C 254 23.01 -32.84 2.65
N LYS C 255 22.17 -33.17 3.62
CA LYS C 255 20.74 -33.02 3.40
C LYS C 255 20.36 -31.55 3.20
N VAL C 256 21.05 -30.64 3.89
CA VAL C 256 20.80 -29.21 3.73
C VAL C 256 21.31 -28.73 2.36
N PHE C 257 22.50 -29.20 1.97
CA PHE C 257 23.11 -28.84 0.68
C PHE C 257 22.24 -29.26 -0.49
N GLU C 258 21.67 -30.46 -0.43
CA GLU C 258 20.78 -30.90 -1.49
C GLU C 258 19.56 -30.00 -1.60
N ALA C 259 18.95 -29.67 -0.46
CA ALA C 259 17.77 -28.82 -0.47
C ALA C 259 18.08 -27.42 -0.97
N ALA C 260 19.22 -26.85 -0.56
CA ALA C 260 19.56 -25.49 -0.99
C ALA C 260 19.86 -25.44 -2.48
N VAL C 261 20.65 -26.40 -2.97
CA VAL C 261 21.01 -26.45 -4.39
C VAL C 261 19.77 -26.66 -5.25
N LYS C 262 18.88 -27.57 -4.83
CA LYS C 262 17.61 -27.71 -5.54
C LYS C 262 16.87 -26.39 -5.62
N SER C 263 16.89 -25.63 -4.53
CA SER C 263 16.23 -24.33 -4.54
C SER C 263 16.95 -23.33 -5.47
N ILE C 264 18.28 -23.30 -5.42
CA ILE C 264 19.03 -22.37 -6.27
C ILE C 264 18.93 -22.78 -7.75
N LYS C 265 18.90 -24.09 -8.03
CA LYS C 265 18.72 -24.54 -9.41
C LYS C 265 17.38 -24.10 -9.97
N ALA C 266 16.31 -24.27 -9.18
CA ALA C 266 14.98 -23.87 -9.66
C ALA C 266 14.88 -22.38 -9.87
N ALA C 267 15.46 -21.59 -8.95
CA ALA C 267 15.42 -20.14 -9.12
C ALA C 267 16.18 -19.68 -10.35
N SER C 268 17.21 -20.44 -10.77
CA SER C 268 18.04 -20.02 -11.90
C SER C 268 17.81 -20.86 -13.15
N SER C 269 16.70 -21.62 -13.19
CA SER C 269 16.43 -22.53 -14.31
C SER C 269 16.38 -21.83 -15.67
N THR C 270 16.15 -20.52 -15.72
CA THR C 270 16.16 -19.78 -16.99
C THR C 270 17.42 -20.07 -17.80
N GLU C 271 18.55 -20.25 -17.13
CA GLU C 271 19.80 -20.62 -17.76
C GLU C 271 20.22 -21.99 -17.24
N LYS C 272 21.05 -22.70 -18.00
CA LYS C 272 21.45 -24.04 -17.62
C LYS C 272 22.96 -24.12 -17.50
N PHE C 273 23.42 -24.85 -16.49
CA PHE C 273 24.82 -25.03 -16.15
C PHE C 273 25.14 -26.51 -16.03
N PRO C 274 26.36 -26.91 -16.36
CA PRO C 274 26.75 -28.31 -16.21
C PRO C 274 26.75 -28.70 -14.74
N ASP C 275 26.43 -29.97 -14.48
CA ASP C 275 26.40 -30.46 -13.10
C ASP C 275 27.73 -30.28 -12.40
N GLY C 276 28.83 -30.26 -13.16
CA GLY C 276 30.12 -29.93 -12.60
C GLY C 276 30.21 -28.52 -12.07
N PHE C 277 29.29 -27.65 -12.47
CA PHE C 277 29.26 -26.31 -11.89
C PHE C 277 28.73 -26.38 -10.48
N TRP C 278 27.61 -27.08 -10.29
CA TRP C 278 27.02 -27.22 -8.98
C TRP C 278 27.88 -28.02 -8.02
N LEU C 279 28.98 -28.62 -8.48
CA LEU C 279 29.91 -29.28 -7.60
C LEU C 279 31.14 -28.42 -7.29
N GLY C 280 31.19 -27.18 -7.79
CA GLY C 280 32.29 -26.27 -7.52
C GLY C 280 33.57 -26.57 -8.28
N GLU C 281 33.48 -27.33 -9.37
CA GLU C 281 34.64 -27.75 -10.14
C GLU C 281 34.76 -27.00 -11.46
N GLN C 282 33.67 -26.86 -12.21
CA GLN C 282 33.66 -26.14 -13.46
C GLN C 282 33.35 -24.67 -13.21
N LEU C 283 33.85 -23.80 -14.09
CA LEU C 283 33.55 -22.39 -13.98
C LEU C 283 32.37 -22.06 -14.87
N VAL C 284 31.72 -20.93 -14.62
CA VAL C 284 30.65 -20.44 -15.48
C VAL C 284 30.99 -19.01 -15.88
N CYS C 285 30.76 -18.67 -17.14
CA CYS C 285 31.13 -17.35 -17.63
C CYS C 285 29.97 -16.66 -18.34
N TRP C 286 30.12 -15.35 -18.50
CA TRP C 286 29.15 -14.49 -19.17
C TRP C 286 29.95 -13.33 -19.79
N GLN C 287 29.35 -12.64 -20.75
CA GLN C 287 30.01 -11.47 -21.30
C GLN C 287 30.22 -10.44 -20.20
N ALA C 288 31.35 -9.72 -20.26
CA ALA C 288 31.75 -8.84 -19.16
C ALA C 288 30.69 -7.79 -18.82
N GLY C 289 29.96 -8.02 -17.74
CA GLY C 289 28.96 -7.09 -17.27
C GLY C 289 27.52 -7.49 -17.53
N THR C 290 27.29 -8.68 -18.10
CA THR C 290 25.94 -9.19 -18.37
C THR C 290 25.55 -10.30 -17.42
N THR C 291 26.36 -10.54 -16.37
CA THR C 291 26.12 -11.57 -15.38
C THR C 291 24.70 -11.42 -14.85
N PRO C 292 23.83 -12.40 -15.05
CA PRO C 292 22.40 -12.32 -14.65
C PRO C 292 22.17 -12.53 -13.16
N TRP C 293 22.66 -11.57 -12.37
CA TRP C 293 22.53 -11.64 -10.91
C TRP C 293 21.08 -11.88 -10.47
N ASN C 294 20.12 -11.29 -11.18
CA ASN C 294 18.73 -11.32 -10.76
C ASN C 294 18.13 -12.72 -10.70
N ILE C 295 18.71 -13.70 -11.39
CA ILE C 295 18.15 -15.04 -11.39
C ILE C 295 18.65 -15.89 -10.23
N PHE C 296 19.71 -15.47 -9.54
CA PHE C 296 20.21 -16.22 -8.40
C PHE C 296 19.59 -15.69 -7.11
N PRO C 297 19.12 -16.55 -6.23
CA PRO C 297 18.41 -16.09 -5.02
C PRO C 297 19.35 -15.57 -3.95
N VAL C 298 18.75 -14.90 -2.95
CA VAL C 298 19.47 -14.54 -1.74
C VAL C 298 19.23 -15.63 -0.70
N ILE C 299 20.24 -15.89 0.12
CA ILE C 299 20.16 -16.90 1.18
C ILE C 299 20.09 -16.16 2.51
N SER C 300 19.07 -16.46 3.29
CA SER C 300 18.92 -15.89 4.62
C SER C 300 19.28 -16.95 5.65
N LEU C 301 20.38 -16.73 6.37
CA LEU C 301 20.77 -17.57 7.49
C LEU C 301 20.36 -16.84 8.76
N TYR C 302 19.42 -17.42 9.49
CA TYR C 302 18.96 -16.85 10.74
C TYR C 302 19.81 -17.44 11.87
N LEU C 303 20.39 -16.57 12.70
CA LEU C 303 21.24 -17.01 13.78
C LEU C 303 20.53 -16.77 15.11
N MET C 304 20.71 -17.71 16.03
CA MET C 304 20.02 -17.64 17.32
C MET C 304 20.48 -16.44 18.13
N GLY C 305 19.53 -15.71 18.69
CA GLY C 305 19.90 -14.58 19.51
C GLY C 305 20.17 -15.03 20.93
N GLU C 306 20.55 -14.06 21.76
CA GLU C 306 20.86 -14.42 23.12
C GLU C 306 19.56 -14.59 23.90
N VAL C 307 18.50 -13.94 23.42
CA VAL C 307 17.13 -14.19 23.81
C VAL C 307 16.43 -14.60 22.52
N THR C 308 15.74 -15.75 22.54
CA THR C 308 15.23 -16.27 21.28
C THR C 308 14.17 -15.39 20.62
N ASN C 309 13.72 -14.27 21.20
CA ASN C 309 12.87 -13.38 20.43
C ASN C 309 13.68 -12.21 19.90
N GLN C 310 15.01 -12.30 20.00
CA GLN C 310 15.95 -11.32 19.48
C GLN C 310 16.93 -11.99 18.53
N SER C 311 16.47 -13.03 17.84
CA SER C 311 17.30 -13.65 16.85
C SER C 311 17.36 -12.72 15.63
N PHE C 312 18.16 -13.08 14.64
CA PHE C 312 18.39 -12.19 13.52
C PHE C 312 18.88 -13.01 12.36
N ARG C 313 18.89 -12.40 11.18
CA ARG C 313 19.35 -13.06 9.96
C ARG C 313 20.42 -12.23 9.30
N ILE C 314 21.31 -12.93 8.60
CA ILE C 314 22.24 -12.34 7.66
C ILE C 314 21.84 -12.85 6.29
N THR C 315 21.71 -11.95 5.34
CA THR C 315 21.27 -12.31 4.01
C THR C 315 22.45 -12.25 3.05
N ILE C 316 22.62 -13.31 2.26
CA ILE C 316 23.76 -13.51 1.37
C ILE C 316 23.29 -13.30 -0.07
N LEU C 317 24.03 -12.46 -0.84
CA LEU C 317 23.70 -12.28 -2.24
C LEU C 317 24.56 -13.19 -3.11
N PRO C 318 24.14 -13.44 -4.36
CA PRO C 318 24.98 -14.25 -5.26
C PRO C 318 26.36 -13.65 -5.52
N GLN C 319 26.54 -12.34 -5.36
CA GLN C 319 27.88 -11.80 -5.49
C GLN C 319 28.83 -12.36 -4.43
N GLN C 320 28.30 -13.02 -3.41
CA GLN C 320 29.10 -13.67 -2.39
C GLN C 320 29.31 -15.15 -2.68
N TYR C 321 28.29 -15.89 -3.11
CA TYR C 321 28.44 -17.32 -3.34
C TYR C 321 28.71 -17.67 -4.81
N LEU C 322 28.87 -16.67 -5.66
CA LEU C 322 29.42 -16.88 -7.00
C LEU C 322 30.81 -16.24 -6.91
N ARG C 323 31.82 -17.05 -6.61
CA ARG C 323 33.17 -16.53 -6.38
C ARG C 323 33.86 -16.16 -7.69
N PRO C 324 34.31 -14.91 -7.86
CA PRO C 324 35.00 -14.53 -9.09
C PRO C 324 36.33 -15.27 -9.23
N VAL C 325 36.56 -15.79 -10.43
CA VAL C 325 37.78 -16.55 -10.69
C VAL C 325 38.68 -15.86 -11.72
N GLU C 326 38.81 -16.47 -12.90
CA GLU C 326 39.78 -16.06 -13.91
C GLU C 326 39.53 -16.87 -15.18
N ASP C 327 39.34 -16.19 -16.31
CA ASP C 327 39.05 -16.87 -17.57
C ASP C 327 40.29 -17.51 -18.17
N VAL C 328 40.20 -18.82 -18.45
CA VAL C 328 41.31 -19.63 -18.95
C VAL C 328 41.22 -19.83 -20.47
N ALA C 329 40.64 -18.88 -21.21
CA ALA C 329 40.63 -19.02 -22.68
C ALA C 329 40.48 -17.72 -23.44
N THR C 330 41.52 -16.85 -23.41
CA THR C 330 41.58 -15.55 -24.09
C THR C 330 40.22 -14.88 -24.26
N SER C 331 39.84 -14.02 -23.31
CA SER C 331 38.57 -13.31 -23.33
C SER C 331 38.50 -12.42 -22.11
N GLN C 332 37.52 -11.52 -22.13
CA GLN C 332 37.26 -10.61 -21.02
C GLN C 332 35.97 -10.98 -20.30
N ASP C 333 35.45 -12.19 -20.54
CA ASP C 333 34.25 -12.66 -19.87
C ASP C 333 34.41 -12.59 -18.35
N ASP C 334 33.28 -12.55 -17.66
CA ASP C 334 33.23 -12.64 -16.20
C ASP C 334 32.94 -14.11 -15.86
N CYS C 335 33.79 -14.71 -15.06
CA CYS C 335 33.64 -16.12 -14.72
C CYS C 335 33.61 -16.32 -13.21
N TYR C 336 32.87 -17.34 -12.77
CA TYR C 336 32.66 -17.56 -11.36
C TYR C 336 32.68 -19.04 -11.02
N LYS C 337 32.97 -19.33 -9.76
CA LYS C 337 32.84 -20.66 -9.21
C LYS C 337 31.73 -20.64 -8.17
N PHE C 338 30.91 -21.68 -8.19
CA PHE C 338 29.91 -21.89 -7.16
C PHE C 338 30.64 -22.18 -5.84
N ALA C 339 30.51 -21.27 -4.87
CA ALA C 339 31.24 -21.38 -3.61
C ALA C 339 30.36 -21.90 -2.47
N ILE C 340 29.48 -22.85 -2.79
CA ILE C 340 28.68 -23.58 -1.82
C ILE C 340 28.94 -25.06 -2.07
N SER C 341 29.52 -25.74 -1.08
CA SER C 341 29.92 -27.14 -1.25
C SER C 341 29.41 -28.00 -0.10
N GLN C 342 29.42 -29.30 -0.34
CA GLN C 342 28.87 -30.27 0.59
C GLN C 342 29.89 -30.61 1.66
N SER C 343 29.39 -30.81 2.88
CA SER C 343 30.23 -31.14 4.02
C SER C 343 29.63 -32.35 4.73
N SER C 344 30.51 -33.12 5.37
CA SER C 344 30.11 -34.21 6.24
C SER C 344 30.66 -33.99 7.65
N THR C 345 31.07 -32.76 7.93
CA THR C 345 31.66 -32.41 9.20
C THR C 345 31.07 -31.11 9.73
N GLY C 346 29.85 -30.78 9.32
CA GLY C 346 29.09 -29.67 9.85
C GLY C 346 29.03 -28.48 8.89
N THR C 347 28.17 -27.53 9.27
CA THR C 347 28.06 -26.26 8.55
C THR C 347 29.28 -25.39 8.84
N VAL C 348 29.87 -24.83 7.79
CA VAL C 348 30.98 -23.89 7.90
C VAL C 348 30.57 -22.58 7.23
N MET C 349 30.41 -21.53 8.03
CA MET C 349 30.19 -20.18 7.51
C MET C 349 31.56 -19.57 7.18
N GLY C 350 31.96 -19.76 5.92
CA GLY C 350 33.29 -19.45 5.45
C GLY C 350 33.51 -17.98 5.10
N ALA C 351 34.59 -17.76 4.34
CA ALA C 351 34.97 -16.40 3.93
C ALA C 351 33.92 -15.74 3.05
N VAL C 352 33.32 -16.49 2.12
CA VAL C 352 32.34 -15.84 1.25
C VAL C 352 31.14 -15.36 2.05
N ILE C 353 30.85 -16.01 3.18
CA ILE C 353 29.77 -15.51 4.03
C ILE C 353 30.25 -14.30 4.83
N MET C 354 31.48 -14.34 5.33
CA MET C 354 31.99 -13.25 6.15
C MET C 354 32.21 -11.96 5.36
N GLU C 355 32.53 -12.06 4.06
CA GLU C 355 32.74 -10.86 3.24
C GLU C 355 31.49 -10.02 3.18
N GLY C 356 31.64 -8.72 3.37
CA GLY C 356 30.50 -7.84 3.37
C GLY C 356 29.80 -7.73 4.70
N PHE C 357 30.24 -8.46 5.70
CA PHE C 357 29.80 -8.26 7.06
C PHE C 357 31.00 -7.90 7.90
N TYR C 358 30.74 -7.17 8.97
CA TYR C 358 31.72 -6.89 10.00
C TYR C 358 31.46 -7.87 11.15
N VAL C 359 32.42 -8.76 11.42
CA VAL C 359 32.22 -9.89 12.33
C VAL C 359 33.02 -9.71 13.60
N VAL C 360 32.34 -9.63 14.75
CA VAL C 360 32.96 -9.36 16.04
C VAL C 360 33.07 -10.66 16.84
N PHE C 361 34.31 -11.07 17.13
CA PHE C 361 34.52 -12.29 17.91
C PHE C 361 34.68 -11.87 19.38
N ASP C 362 33.54 -11.67 20.04
CA ASP C 362 33.48 -11.14 21.40
C ASP C 362 33.69 -12.29 22.38
N ARG C 363 34.96 -12.65 22.54
CA ARG C 363 35.34 -13.75 23.43
C ARG C 363 35.02 -13.44 24.88
N ALA C 364 35.28 -12.20 25.32
CA ALA C 364 35.03 -11.83 26.71
C ALA C 364 33.58 -12.08 27.10
N ARG C 365 32.65 -11.97 26.14
CA ARG C 365 31.23 -12.17 26.42
C ARG C 365 30.66 -13.41 25.72
N LYS C 366 31.51 -14.30 25.23
CA LYS C 366 31.11 -15.54 24.57
C LYS C 366 30.03 -15.32 23.52
N ARG C 367 30.31 -14.44 22.57
CA ARG C 367 29.31 -14.12 21.57
C ARG C 367 29.97 -13.63 20.28
N ILE C 368 29.25 -13.79 19.17
CA ILE C 368 29.71 -13.33 17.86
C ILE C 368 28.69 -12.34 17.30
N GLY C 369 29.19 -11.18 16.86
CA GLY C 369 28.35 -10.11 16.34
C GLY C 369 28.50 -9.91 14.85
N PHE C 370 27.40 -9.53 14.20
CA PHE C 370 27.40 -9.25 12.78
C PHE C 370 26.83 -7.84 12.53
N ALA C 371 27.38 -7.19 11.52
CA ALA C 371 26.89 -5.89 11.08
C ALA C 371 27.26 -5.74 9.61
N VAL C 372 26.49 -4.92 8.89
CA VAL C 372 26.77 -4.68 7.48
C VAL C 372 28.12 -4.01 7.33
N SER C 373 28.97 -4.56 6.49
CA SER C 373 30.30 -4.01 6.32
C SER C 373 30.27 -2.72 5.49
N ALA C 374 31.28 -1.88 5.73
CA ALA C 374 31.44 -0.69 4.90
C ALA C 374 31.78 -1.09 3.48
N CYS C 375 32.48 -2.21 3.31
CA CYS C 375 32.84 -2.73 2.00
C CYS C 375 31.89 -3.82 1.52
N HIS C 376 30.59 -3.64 1.70
CA HIS C 376 29.65 -4.67 1.26
C HIS C 376 29.55 -4.68 -0.25
N VAL C 377 29.25 -5.85 -0.82
CA VAL C 377 29.07 -5.99 -2.26
C VAL C 377 27.57 -5.94 -2.53
N HIS C 378 27.17 -5.09 -3.48
CA HIS C 378 25.76 -4.80 -3.70
C HIS C 378 25.42 -4.71 -5.19
N ASP C 379 24.22 -5.17 -5.57
CA ASP C 379 23.77 -4.91 -6.92
C ASP C 379 22.76 -3.76 -6.84
N GLU C 380 22.00 -3.54 -7.89
CA GLU C 380 21.25 -2.30 -7.90
C GLU C 380 19.83 -2.48 -7.40
N PHE C 381 19.51 -3.66 -6.88
CA PHE C 381 18.15 -3.89 -6.42
C PHE C 381 18.06 -4.47 -5.02
N ARG C 382 18.81 -5.52 -4.72
CA ARG C 382 18.68 -6.22 -3.45
C ARG C 382 19.89 -5.87 -2.59
N THR C 383 19.73 -5.96 -1.25
CA THR C 383 20.89 -5.58 -0.46
C THR C 383 21.19 -6.61 0.62
N ALA C 384 22.51 -6.83 0.84
CA ALA C 384 22.94 -7.63 1.97
C ALA C 384 22.53 -6.91 3.23
N ALA C 385 22.21 -7.67 4.27
CA ALA C 385 21.68 -7.01 5.46
C ALA C 385 21.89 -7.89 6.68
N VAL C 386 21.75 -7.26 7.84
CA VAL C 386 21.69 -7.92 9.12
C VAL C 386 20.47 -7.31 9.77
N GLU C 387 19.38 -8.08 9.84
CA GLU C 387 18.07 -7.59 10.27
C GLU C 387 17.48 -8.44 11.40
N GLY C 388 16.82 -7.75 12.33
CA GLY C 388 16.17 -8.36 13.46
C GLY C 388 15.19 -7.37 14.07
N PRO C 389 14.47 -7.79 15.11
CA PRO C 389 14.50 -9.12 15.72
C PRO C 389 13.57 -10.15 15.10
N PHE C 390 13.85 -11.42 15.37
CA PHE C 390 13.02 -12.54 14.97
C PHE C 390 12.76 -13.46 16.17
N VAL C 391 11.56 -14.06 16.21
CA VAL C 391 11.27 -15.15 17.14
C VAL C 391 11.60 -16.43 16.42
N THR C 392 12.41 -17.27 17.04
CA THR C 392 12.84 -18.51 16.42
C THR C 392 12.83 -19.60 17.46
N LEU C 393 13.37 -20.75 17.07
CA LEU C 393 13.57 -21.90 17.91
C LEU C 393 14.86 -21.70 18.71
N ASP C 394 14.96 -22.39 19.84
CA ASP C 394 16.09 -22.23 20.74
C ASP C 394 17.15 -23.32 20.56
N MET C 395 18.17 -23.28 21.42
CA MET C 395 19.29 -24.21 21.31
C MET C 395 18.86 -25.67 21.47
N GLU C 396 17.93 -25.95 22.39
CA GLU C 396 17.52 -27.34 22.53
C GLU C 396 16.83 -27.85 21.28
N ASP C 397 16.20 -26.96 20.52
CA ASP C 397 15.55 -27.37 19.28
C ASP C 397 16.54 -27.57 18.15
N CYS C 398 17.53 -26.69 18.03
CA CYS C 398 18.43 -26.71 16.88
C CYS C 398 19.82 -27.22 17.18
N GLY C 399 20.22 -27.26 18.45
CA GLY C 399 21.55 -27.73 18.79
C GLY C 399 21.66 -29.23 18.64
N TYR C 400 22.79 -29.66 18.07
CA TYR C 400 23.07 -31.08 17.89
C TYR C 400 23.93 -31.58 19.05
N ASN C 401 23.75 -32.86 19.39
CA ASN C 401 24.50 -33.46 20.49
C ASN C 401 25.07 -34.83 20.12
C2 E6V D . -13.15 -2.68 -8.60
C7 E6V D . -16.20 -3.02 -6.28
C9 E6V D . -17.37 -3.95 -6.58
C12 E6V D . -17.65 -4.19 -8.07
C14 E6V D . -18.62 -5.37 -8.25
C20 E6V D . -17.75 -6.26 -10.50
C32 E6V D . -14.29 -6.62 -10.63
C35 E6V D . -13.41 -5.46 -11.19
C17 E6V D . -18.94 -5.73 -9.70
C23 E6V D . -17.10 -7.60 -9.96
C26 E6V D . -16.19 -8.30 -11.04
C29 E6V D . -15.13 -7.37 -11.68
C38 E6V D . -12.90 -4.58 -10.05
C4 E6V D . -14.33 -2.30 -7.66
C40 E6V D . -18.18 -2.93 -8.74
C44 E6V D . -15.79 -3.16 -4.79
C48 E6V D . -14.86 -2.05 -4.27
C77 E6V D . -12.32 -1.48 -9.05
C81 E6V D . -14.84 -3.06 -10.42
C83 E6V D . -14.09 -1.02 -2.11
C84 E6V D . -12.65 -0.71 -2.58
C85 E6V D . -12.18 0.70 -2.20
C86 E6V D . -10.80 1.01 -2.73
C87 E6V D . -12.28 0.98 -0.71
C89 E6V D . -14.42 1.44 -2.69
C90 E6V D . -16.59 2.46 -2.70
C91 E6V D . -15.23 2.56 -2.89
C92 E6V D . -16.36 0.15 -2.15
C93 E6V D . -17.17 1.25 -2.34
C94 E6V D . -14.97 0.22 -2.33
C95 E6V D . -18.65 1.15 -2.15
C96 E6V D . -18.97 0.70 -0.72
C97 E6V D . -19.32 2.49 -2.43
N1 E6V D . -13.62 -3.50 -9.72
N5 E6V D . -15.06 -3.29 -7.16
N82 E6V D . -14.71 -2.18 -2.80
O39 E6V D . -11.90 -4.90 -9.43
O46 E6V D . -16.99 -3.18 -4.02
O76 E6V D . -14.57 -1.12 -7.41
O88 E6V D . -13.07 1.63 -2.86
C2 E6V E . -18.78 34.71 -2.80
C7 E6V E . -19.32 34.24 -6.54
C9 E6V E . -18.57 33.14 -7.26
C12 E6V E . -17.15 32.90 -6.74
C14 E6V E . -16.50 31.73 -7.51
C20 E6V E . -15.14 30.81 -5.57
C32 E6V E . -16.77 30.54 -2.33
C35 E6V E . -16.60 31.87 -1.52
C17 E6V E . -15.13 31.29 -7.01
C23 E6V E . -15.93 29.51 -5.33
C26 E6V E . -15.66 28.88 -3.94
C29 E6V E . -15.46 29.91 -2.81
C38 E6V E . -17.78 32.76 -1.70
C4 E6V E . -18.87 35.07 -4.29
C40 E6V E . -16.32 34.17 -6.86
C44 E6V E . -20.79 34.13 -6.95
C48 E6V E . -21.65 35.34 -6.54
C77 E6V E . -18.75 35.95 -1.92
C81 E6V E . -16.40 34.11 -3.23
C83 E6V E . -23.64 36.69 -7.27
C84 E6V E . -23.93 37.12 -5.83
C85 E6V E . -24.48 38.55 -5.76
C86 E6V E . -24.70 39.01 -4.33
C87 E6V E . -25.75 38.72 -6.58
C89 E6V E . -22.92 39.13 -7.52
C90 E6V E . -21.75 39.91 -9.46
C91 E6V E . -22.32 40.16 -8.22
C92 E6V E . -22.37 37.60 -9.28
C93 E6V E . -21.76 38.62 -10.00
C94 E6V E . -22.96 37.82 -8.03
C95 E6V E . -21.18 38.35 -11.34
C96 E6V E . -22.33 37.90 -12.26
C97 E6V E . -20.56 39.62 -11.93
N1 E6V E . -17.65 33.81 -2.55
N5 E6V E . -19.17 34.07 -5.11
N82 E6V E . -22.82 35.44 -7.44
O39 E6V E . -18.84 32.52 -1.13
O46 E6V E . -20.85 33.96 -8.38
O76 E6V E . -18.71 36.23 -4.69
O88 E6V E . -23.46 39.46 -6.32
C2 E6V F . 39.30 -25.60 3.97
C7 E6V F . 41.17 -24.86 7.22
C9 E6V F . 42.41 -23.98 7.22
C12 E6V F . 43.14 -23.87 5.88
C14 E6V F . 44.14 -22.71 5.87
C20 E6V F . 44.66 -22.38 3.38
C32 E6V F . 41.33 -22.05 1.93
C35 E6V F . 40.72 -23.35 1.20
C17 E6V F . 45.20 -22.75 4.76
C23 E6V F . 43.75 -21.16 3.38
C26 E6V F . 43.45 -20.57 1.99
C29 E6V F . 42.39 -21.33 1.15
C38 E6V F . 39.73 -24.01 2.13
C4 E6V F . 40.05 -25.85 5.29
C40 E6V F . 43.84 -25.17 5.55
C44 E6V F . 40.25 -24.48 8.39
C48 E6V F . 39.24 -25.58 8.73
C77 E6V F . 38.65 -26.85 3.44
C81 E6V F . 41.59 -25.41 2.95
C83 E6V F . 37.70 -26.34 10.53
C84 E6V F . 36.62 -26.77 9.50
C85 E6V F . 36.03 -28.16 9.79
C86 E6V F . 35.07 -28.62 8.72
C87 E6V F . 35.37 -28.26 11.16
C89 E6V F . 38.24 -28.85 10.50
C90 E6V F . 40.20 -29.71 11.59
C91 E6V F . 39.05 -29.92 10.83
C92 E6V F . 39.74 -27.38 11.65
C93 E6V F . 40.56 -28.45 12.01
C94 E6V F . 38.57 -27.54 10.90
C95 E6V F . 41.84 -28.22 12.86
C96 E6V F . 41.51 -27.47 14.15
C97 E6V F . 42.56 -29.50 13.19
N1 E6V F . 40.19 -24.96 2.98
N5 E6V F . 40.45 -24.76 5.96
N82 E6V F . 38.59 -25.27 10.01
O39 E6V F . 38.57 -23.63 2.15
O46 E6V F . 41.04 -24.20 9.55
O76 E6V F . 40.26 -26.98 5.69
O88 E6V F . 37.11 -29.13 9.76
#